data_5DFT
#
_entry.id   5DFT
#
_cell.length_a   82.493
_cell.length_b   107.402
_cell.length_c   210.337
_cell.angle_alpha   90.00
_cell.angle_beta   90.00
_cell.angle_gamma   90.00
#
_symmetry.space_group_name_H-M   'C 2 2 21'
#
loop_
_entity.id
_entity.type
_entity.pdbx_description
1 polymer Fibronectin
2 non-polymer 'CITRIC ACID'
3 water water
#
_entity_poly.entity_id   1
_entity_poly.type   'polypeptide(L)'
_entity_poly.pdbx_seq_one_letter_code
;GSHMRTEIDKPSQMQVTDVQDNSISVKWLPSSSPVTGYRVTTTPKNGPGPTKTKTAGPDQTEMTIEGLQPTVEYVVSVYA
QNPSGESQPLVQTAVTTIPAP
;
_entity_poly.pdbx_strand_id   A,B,C,D,E,F,G,H,I,J
#
loop_
_chem_comp.id
_chem_comp.type
_chem_comp.name
_chem_comp.formula
CIT non-polymer 'CITRIC ACID' 'C6 H8 O7'
#
# COMPACT_ATOMS: atom_id res chain seq x y z
N GLN A 13 -6.31 24.02 -18.82
CA GLN A 13 -6.33 25.02 -17.76
C GLN A 13 -7.56 24.95 -16.87
N MET A 14 -7.32 24.72 -15.58
CA MET A 14 -8.37 24.71 -14.57
C MET A 14 -7.93 25.46 -13.32
N GLN A 15 -8.83 26.24 -12.74
CA GLN A 15 -8.54 26.97 -11.51
C GLN A 15 -9.39 26.42 -10.39
N VAL A 16 -8.82 26.33 -9.20
CA VAL A 16 -9.61 26.03 -8.02
C VAL A 16 -10.04 27.35 -7.43
N THR A 17 -11.34 27.57 -7.33
CA THR A 17 -11.91 28.85 -6.92
C THR A 17 -12.09 28.99 -5.41
N ASP A 18 -12.33 27.86 -4.76
CA ASP A 18 -12.59 27.87 -3.33
C ASP A 18 -12.48 26.46 -2.82
N VAL A 19 -11.80 26.31 -1.70
CA VAL A 19 -11.70 25.02 -1.06
C VAL A 19 -12.27 25.20 0.33
N GLN A 20 -13.28 24.43 0.67
CA GLN A 20 -13.79 24.46 2.02
C GLN A 20 -13.53 23.11 2.63
N ASP A 21 -14.22 22.80 3.71
CA ASP A 21 -14.02 21.52 4.36
C ASP A 21 -14.89 20.44 3.77
N ASN A 22 -15.97 20.84 3.12
CA ASN A 22 -16.90 19.90 2.54
C ASN A 22 -17.22 20.18 1.09
N SER A 23 -16.52 21.13 0.47
CA SER A 23 -16.84 21.48 -0.88
C SER A 23 -15.65 22.02 -1.63
N ILE A 24 -15.72 21.97 -2.96
CA ILE A 24 -14.70 22.51 -3.83
C ILE A 24 -15.36 23.23 -4.97
N SER A 25 -14.84 24.39 -5.34
CA SER A 25 -15.38 25.10 -6.50
C SER A 25 -14.29 25.23 -7.54
N VAL A 26 -14.63 24.88 -8.77
CA VAL A 26 -13.68 24.97 -9.85
C VAL A 26 -14.25 25.73 -11.03
N LYS A 27 -13.36 26.12 -11.93
CA LYS A 27 -13.71 26.79 -13.13
C LYS A 27 -12.71 26.35 -14.19
N TRP A 28 -13.17 26.01 -15.38
CA TRP A 28 -12.24 25.55 -16.40
C TRP A 28 -12.35 26.35 -17.68
N LEU A 29 -11.27 26.36 -18.44
CA LEU A 29 -11.31 26.99 -19.74
C LEU A 29 -12.18 26.15 -20.62
N PRO A 30 -13.02 26.81 -21.44
CA PRO A 30 -13.92 26.16 -22.39
C PRO A 30 -13.16 25.29 -23.35
N SER A 31 -13.81 24.26 -23.85
CA SER A 31 -13.21 23.42 -24.88
C SER A 31 -12.97 24.18 -26.16
N SER A 32 -11.83 23.93 -26.79
CA SER A 32 -11.49 24.46 -28.12
C SER A 32 -12.36 23.91 -29.26
N SER A 33 -12.71 22.63 -29.17
CA SER A 33 -13.47 21.96 -30.19
C SER A 33 -14.95 22.17 -29.92
N PRO A 34 -15.83 21.76 -30.85
CA PRO A 34 -17.24 21.95 -30.49
C PRO A 34 -17.63 21.07 -29.31
N VAL A 35 -18.48 21.58 -28.44
CA VAL A 35 -18.81 20.90 -27.21
C VAL A 35 -20.31 21.05 -26.94
N THR A 36 -20.97 19.96 -26.58
CA THR A 36 -22.38 19.95 -26.22
C THR A 36 -22.59 19.86 -24.72
N GLY A 37 -21.51 19.72 -23.98
CA GLY A 37 -21.59 19.71 -22.54
C GLY A 37 -20.36 19.22 -21.84
N TYR A 38 -20.39 19.25 -20.51
CA TYR A 38 -19.26 18.82 -19.71
C TYR A 38 -19.64 17.81 -18.68
N ARG A 39 -18.70 16.94 -18.34
CA ARG A 39 -18.91 16.02 -17.24
C ARG A 39 -17.81 16.28 -16.18
N VAL A 40 -18.20 16.48 -14.94
CA VAL A 40 -17.21 16.70 -13.89
C VAL A 40 -17.23 15.56 -12.91
N THR A 41 -16.08 14.97 -12.72
CA THR A 41 -15.96 13.85 -11.83
C THR A 41 -15.10 14.22 -10.60
N THR A 42 -15.53 13.76 -9.43
CA THR A 42 -14.76 14.04 -8.23
C THR A 42 -14.50 12.75 -7.46
N THR A 43 -13.24 12.44 -7.21
CA THR A 43 -12.91 11.18 -6.55
C THR A 43 -11.76 11.29 -5.55
N PRO A 44 -11.85 10.55 -4.44
CA PRO A 44 -10.74 10.47 -3.49
C PRO A 44 -9.55 9.91 -4.19
N LYS A 45 -8.43 10.63 -4.14
CA LYS A 45 -7.24 10.22 -4.86
C LYS A 45 -6.69 8.94 -4.29
N ASN A 46 -6.49 8.93 -2.98
CA ASN A 46 -5.93 7.78 -2.28
C ASN A 46 -7.03 6.94 -1.67
N GLY A 47 -7.22 7.12 -0.37
CA GLY A 47 -8.26 6.47 0.40
C GLY A 47 -9.57 6.20 -0.33
N PRO A 48 -10.05 4.93 -0.28
CA PRO A 48 -11.34 4.57 -0.90
C PRO A 48 -12.52 5.44 -0.46
N GLY A 49 -13.62 5.27 -1.18
CA GLY A 49 -14.85 6.00 -0.95
C GLY A 49 -15.41 6.27 -2.33
N PRO A 50 -16.58 6.92 -2.40
CA PRO A 50 -17.31 7.04 -3.65
C PRO A 50 -16.84 8.15 -4.61
N THR A 51 -17.16 8.00 -5.90
CA THR A 51 -16.86 9.01 -6.91
C THR A 51 -18.13 9.80 -7.23
N LYS A 52 -18.07 11.11 -7.18
CA LYS A 52 -19.22 11.93 -7.55
C LYS A 52 -19.16 12.33 -9.02
N THR A 53 -20.32 12.42 -9.68
CA THR A 53 -20.37 12.88 -11.06
C THR A 53 -21.42 13.92 -11.22
N LYS A 54 -21.12 14.95 -11.96
CA LYS A 54 -22.16 15.90 -12.29
C LYS A 54 -21.93 16.42 -13.71
N THR A 55 -23.02 16.65 -14.44
CA THR A 55 -22.90 17.11 -15.80
C THR A 55 -23.36 18.54 -15.88
N ALA A 56 -22.83 19.25 -16.86
CA ALA A 56 -23.20 20.63 -17.14
C ALA A 56 -23.37 20.86 -18.64
N GLY A 57 -24.09 21.91 -19.00
CA GLY A 57 -24.23 22.28 -20.39
C GLY A 57 -22.99 23.00 -20.81
N PRO A 58 -22.82 23.22 -22.11
CA PRO A 58 -21.62 23.77 -22.73
C PRO A 58 -21.34 25.22 -22.35
N ASP A 59 -22.29 25.91 -21.73
CA ASP A 59 -22.04 27.27 -21.33
C ASP A 59 -21.70 27.38 -19.84
N GLN A 60 -21.86 26.30 -19.09
CA GLN A 60 -21.35 26.27 -17.73
C GLN A 60 -19.92 25.79 -17.69
N THR A 61 -18.99 26.64 -17.29
CA THR A 61 -17.61 26.23 -17.17
C THR A 61 -17.08 26.39 -15.73
N GLU A 62 -18.00 26.54 -14.79
CA GLU A 62 -17.67 26.62 -13.38
C GLU A 62 -18.53 25.61 -12.68
N MET A 63 -18.11 25.17 -11.51
CA MET A 63 -18.90 24.26 -10.70
C MET A 63 -18.47 24.25 -9.24
N THR A 64 -19.44 24.10 -8.35
CA THR A 64 -19.17 23.84 -6.96
C THR A 64 -19.54 22.40 -6.61
N ILE A 65 -18.59 21.64 -6.06
CA ILE A 65 -18.91 20.27 -5.68
C ILE A 65 -19.04 20.17 -4.16
N GLU A 66 -20.16 19.63 -3.70
CA GLU A 66 -20.46 19.58 -2.29
C GLU A 66 -20.54 18.16 -1.82
N GLY A 67 -20.67 18.00 -0.51
CA GLY A 67 -20.80 16.69 0.08
C GLY A 67 -19.49 15.98 0.22
N LEU A 68 -18.41 16.75 0.31
CA LEU A 68 -17.08 16.16 0.45
C LEU A 68 -16.65 16.01 1.91
N GLN A 69 -15.58 15.24 2.12
CA GLN A 69 -14.99 15.02 3.44
C GLN A 69 -13.80 15.93 3.68
N PRO A 70 -13.59 16.39 4.93
CA PRO A 70 -12.45 17.24 5.26
C PRO A 70 -11.12 16.49 5.25
N THR A 71 -10.06 17.19 4.88
CA THR A 71 -8.70 16.65 4.83
C THR A 71 -8.56 15.43 3.94
N VAL A 72 -9.33 15.38 2.87
CA VAL A 72 -9.20 14.32 1.88
C VAL A 72 -8.71 14.95 0.60
N GLU A 73 -7.80 14.28 -0.10
CA GLU A 73 -7.36 14.78 -1.39
C GLU A 73 -8.25 14.20 -2.52
N TYR A 74 -8.77 15.08 -3.34
CA TYR A 74 -9.68 14.68 -4.41
C TYR A 74 -9.09 14.94 -5.77
N VAL A 75 -9.41 14.08 -6.71
CA VAL A 75 -9.13 14.36 -8.10
C VAL A 75 -10.41 14.90 -8.74
N VAL A 76 -10.31 16.05 -9.38
CA VAL A 76 -11.44 16.63 -10.11
C VAL A 76 -11.16 16.56 -11.61
N SER A 77 -11.97 15.80 -12.34
CA SER A 77 -11.79 15.64 -13.77
C SER A 77 -12.93 16.25 -14.54
N VAL A 78 -12.58 16.94 -15.61
CA VAL A 78 -13.56 17.51 -16.50
C VAL A 78 -13.47 16.79 -17.84
N TYR A 79 -14.60 16.31 -18.30
CA TYR A 79 -14.70 15.68 -19.60
C TYR A 79 -15.55 16.54 -20.50
N ALA A 80 -15.10 16.75 -21.74
CA ALA A 80 -15.86 17.51 -22.75
C ALA A 80 -16.64 16.61 -23.67
N GLN A 81 -17.91 16.91 -23.85
CA GLN A 81 -18.73 16.10 -24.73
C GLN A 81 -18.81 16.75 -26.10
N ASN A 82 -18.43 16.03 -27.14
CA ASN A 82 -18.54 16.56 -28.49
C ASN A 82 -19.89 16.15 -29.08
N PRO A 83 -20.30 16.75 -30.22
CA PRO A 83 -21.62 16.45 -30.79
C PRO A 83 -21.89 15.00 -31.14
N SER A 84 -20.86 14.22 -31.42
CA SER A 84 -21.03 12.81 -31.72
C SER A 84 -21.41 12.05 -30.47
N GLY A 85 -21.33 12.71 -29.32
CA GLY A 85 -21.67 12.03 -28.08
C GLY A 85 -20.46 11.48 -27.38
N GLU A 86 -19.26 11.68 -27.91
CA GLU A 86 -18.08 11.20 -27.23
C GLU A 86 -17.71 12.13 -26.10
N SER A 87 -17.23 11.55 -25.02
CA SER A 87 -16.81 12.30 -23.85
C SER A 87 -15.30 12.15 -23.72
N GLN A 88 -14.60 13.27 -23.86
CA GLN A 88 -13.15 13.27 -23.89
C GLN A 88 -12.57 14.01 -22.70
N PRO A 89 -11.56 13.43 -22.06
CA PRO A 89 -10.91 14.08 -20.91
C PRO A 89 -10.34 15.44 -21.29
N LEU A 90 -10.75 16.49 -20.60
CA LEU A 90 -10.30 17.84 -20.92
C LEU A 90 -9.18 18.29 -20.00
N VAL A 91 -9.44 18.30 -18.71
CA VAL A 91 -8.48 18.77 -17.73
C VAL A 91 -8.82 18.16 -16.37
N GLN A 92 -7.81 17.94 -15.55
CA GLN A 92 -8.00 17.39 -14.22
C GLN A 92 -6.98 17.94 -13.23
N THR A 93 -7.35 17.96 -11.96
CA THR A 93 -6.45 18.50 -10.95
C THR A 93 -6.72 17.87 -9.60
N ALA A 94 -5.74 17.93 -8.71
CA ALA A 94 -5.92 17.42 -7.35
C ALA A 94 -6.11 18.58 -6.37
N VAL A 95 -7.08 18.44 -5.49
CA VAL A 95 -7.40 19.47 -4.54
C VAL A 95 -7.63 18.77 -3.22
N THR A 96 -7.19 19.40 -2.13
CA THR A 96 -7.36 18.80 -0.80
C THR A 96 -8.26 19.68 0.03
N THR A 97 -9.28 19.10 0.64
CA THR A 97 -10.15 19.91 1.50
C THR A 97 -9.46 20.31 2.80
N ILE A 98 -9.79 21.51 3.23
CA ILE A 98 -9.24 22.05 4.47
C ILE A 98 -9.99 21.39 5.61
N PRO A 99 -9.43 21.42 6.84
CA PRO A 99 -10.11 20.80 7.97
C PRO A 99 -11.29 21.62 8.47
N ALA A 100 -12.15 20.93 9.20
CA ALA A 100 -13.34 21.52 9.81
C ALA A 100 -13.00 22.55 10.89
N PRO A 101 -13.85 23.57 11.04
CA PRO A 101 -13.57 24.63 12.02
C PRO A 101 -13.75 24.14 13.46
N GLN B 13 21.65 19.48 -9.23
CA GLN B 13 22.58 18.49 -9.78
C GLN B 13 23.22 17.64 -8.68
N MET B 14 22.95 16.34 -8.73
CA MET B 14 23.57 15.34 -7.85
C MET B 14 23.97 14.17 -8.71
N GLN B 15 25.18 13.66 -8.54
CA GLN B 15 25.58 12.50 -9.32
C GLN B 15 25.87 11.31 -8.40
N VAL B 16 25.43 10.12 -8.82
CA VAL B 16 25.76 8.92 -8.09
C VAL B 16 27.04 8.32 -8.61
N THR B 17 28.03 8.32 -7.75
CA THR B 17 29.39 8.00 -8.11
C THR B 17 29.63 6.52 -8.11
N ASP B 18 28.90 5.83 -7.26
CA ASP B 18 29.13 4.43 -7.05
C ASP B 18 27.99 3.79 -6.32
N VAL B 19 27.57 2.63 -6.83
CA VAL B 19 26.54 1.85 -6.19
C VAL B 19 27.07 0.47 -5.90
N GLN B 20 27.07 0.07 -4.65
CA GLN B 20 27.45 -1.29 -4.33
C GLN B 20 26.24 -2.01 -3.77
N ASP B 21 26.45 -3.14 -3.14
CA ASP B 21 25.32 -3.84 -2.57
C ASP B 21 25.04 -3.32 -1.17
N ASN B 22 26.03 -2.73 -0.53
CA ASN B 22 25.86 -2.28 0.83
C ASN B 22 26.25 -0.82 1.04
N SER B 23 26.51 -0.12 -0.04
CA SER B 23 26.89 1.26 0.06
C SER B 23 26.55 2.06 -1.21
N ILE B 24 26.46 3.37 -1.05
CA ILE B 24 26.20 4.29 -2.14
C ILE B 24 27.13 5.47 -2.01
N SER B 25 27.66 5.95 -3.13
CA SER B 25 28.51 7.12 -3.13
C SER B 25 27.94 8.22 -3.98
N VAL B 26 27.88 9.42 -3.45
CA VAL B 26 27.31 10.51 -4.20
C VAL B 26 28.23 11.72 -4.26
N LYS B 27 27.88 12.64 -5.14
CA LYS B 27 28.58 13.89 -5.29
C LYS B 27 27.57 14.94 -5.63
N TRP B 28 27.65 16.10 -4.99
CA TRP B 28 26.71 17.13 -5.33
C TRP B 28 27.43 18.42 -5.63
N LEU B 29 26.76 19.27 -6.41
CA LEU B 29 27.23 20.60 -6.68
C LEU B 29 27.08 21.47 -5.46
N PRO B 30 28.04 22.37 -5.23
CA PRO B 30 28.01 23.30 -4.10
C PRO B 30 26.79 24.19 -4.10
N SER B 31 26.40 24.63 -2.92
CA SER B 31 25.32 25.58 -2.74
C SER B 31 25.69 26.91 -3.40
N SER B 32 24.72 27.52 -4.06
CA SER B 32 24.88 28.86 -4.63
C SER B 32 25.12 29.90 -3.55
N SER B 33 24.45 29.67 -2.43
CA SER B 33 24.39 30.60 -1.33
C SER B 33 25.57 30.39 -0.38
N PRO B 34 25.73 31.26 0.62
CA PRO B 34 26.79 30.97 1.58
C PRO B 34 26.48 29.67 2.32
N VAL B 35 27.50 28.88 2.63
CA VAL B 35 27.25 27.57 3.17
C VAL B 35 28.24 27.23 4.25
N THR B 36 27.78 26.70 5.37
CA THR B 36 28.71 26.27 6.44
C THR B 36 28.88 24.76 6.56
N GLY B 37 28.10 23.99 5.81
CA GLY B 37 28.24 22.54 5.78
C GLY B 37 27.06 21.82 5.16
N TYR B 38 27.15 20.49 5.08
CA TYR B 38 26.09 19.70 4.50
C TYR B 38 25.65 18.54 5.39
N ARG B 39 24.38 18.17 5.29
CA ARG B 39 23.82 17.00 5.93
C ARG B 39 23.28 16.03 4.87
N VAL B 40 23.63 14.77 4.93
CA VAL B 40 23.10 13.82 3.99
C VAL B 40 22.28 12.76 4.71
N THR B 41 21.03 12.56 4.31
CA THR B 41 20.24 11.49 4.89
C THR B 41 19.96 10.42 3.85
N THR B 42 19.88 9.17 4.28
CA THR B 42 19.55 8.08 3.40
C THR B 42 18.37 7.35 4.02
N THR B 43 17.32 7.15 3.24
CA THR B 43 16.08 6.58 3.75
C THR B 43 15.48 5.59 2.76
N PRO B 44 14.95 4.47 3.27
CA PRO B 44 14.25 3.53 2.40
C PRO B 44 13.04 4.19 1.80
N LYS B 45 12.91 4.22 0.48
CA LYS B 45 11.73 4.84 -0.10
C LYS B 45 10.54 3.95 0.23
N ASN B 46 10.70 2.65 0.05
CA ASN B 46 9.65 1.69 0.36
C ASN B 46 10.00 0.84 1.57
N GLY B 47 9.03 0.67 2.45
CA GLY B 47 9.21 -0.14 3.63
C GLY B 47 10.16 0.55 4.59
N PRO B 48 9.59 1.23 5.59
CA PRO B 48 10.33 1.94 6.64
C PRO B 48 11.32 1.04 7.38
N GLY B 49 12.51 1.58 7.55
CA GLY B 49 13.64 0.95 8.20
C GLY B 49 14.42 2.16 8.64
N PRO B 50 15.62 1.97 9.16
CA PRO B 50 16.23 3.16 9.73
C PRO B 50 16.72 4.16 8.70
N THR B 51 16.81 5.41 9.12
CA THR B 51 17.36 6.47 8.30
C THR B 51 18.76 6.79 8.75
N LYS B 52 19.71 6.82 7.81
CA LYS B 52 21.08 7.19 8.11
C LYS B 52 21.29 8.69 7.94
N THR B 53 22.17 9.27 8.75
CA THR B 53 22.55 10.67 8.62
C THR B 53 24.06 10.81 8.67
N LYS B 54 24.61 11.65 7.81
CA LYS B 54 26.02 11.96 7.84
C LYS B 54 26.19 13.43 7.57
N THR B 55 27.13 14.06 8.26
CA THR B 55 27.37 15.49 8.12
C THR B 55 28.73 15.74 7.51
N ALA B 56 28.86 16.83 6.78
CA ALA B 56 30.12 17.20 6.18
C ALA B 56 30.34 18.68 6.30
N GLY B 57 31.59 19.10 6.19
CA GLY B 57 31.91 20.52 6.14
C GLY B 57 31.68 21.04 4.74
N PRO B 58 31.75 22.38 4.56
CA PRO B 58 31.42 23.14 3.36
C PRO B 58 32.33 22.86 2.17
N ASP B 59 33.45 22.21 2.39
CA ASP B 59 34.33 21.83 1.29
C ASP B 59 34.25 20.36 0.90
N GLN B 60 33.51 19.55 1.65
CA GLN B 60 33.23 18.19 1.20
C GLN B 60 31.91 18.15 0.43
N THR B 61 31.96 17.80 -0.85
CA THR B 61 30.77 17.70 -1.67
C THR B 61 30.57 16.27 -2.19
N GLU B 62 31.23 15.32 -1.54
CA GLU B 62 31.10 13.92 -1.87
C GLU B 62 30.78 13.19 -0.59
N MET B 63 30.14 12.04 -0.69
CA MET B 63 29.79 11.26 0.48
C MET B 63 29.59 9.79 0.12
N THR B 64 30.05 8.90 0.98
CA THR B 64 29.75 7.49 0.85
C THR B 64 28.89 7.09 2.03
N ILE B 65 27.78 6.43 1.77
CA ILE B 65 26.93 5.97 2.85
C ILE B 65 27.07 4.47 2.96
N GLU B 66 27.32 3.98 4.17
CA GLU B 66 27.61 2.57 4.39
C GLU B 66 26.47 1.95 5.17
N GLY B 67 26.51 0.64 5.33
CA GLY B 67 25.52 -0.04 6.15
C GLY B 67 24.17 -0.22 5.50
N LEU B 68 24.15 -0.27 4.18
CA LEU B 68 22.88 -0.43 3.48
C LEU B 68 22.60 -1.89 3.19
N GLN B 69 21.33 -2.17 2.87
CA GLN B 69 20.90 -3.49 2.47
C GLN B 69 20.84 -3.56 0.94
N PRO B 70 21.17 -4.71 0.37
CA PRO B 70 21.15 -4.91 -1.08
C PRO B 70 19.74 -5.00 -1.67
N THR B 71 19.61 -4.53 -2.90
CA THR B 71 18.35 -4.49 -3.63
C THR B 71 17.29 -3.71 -2.89
N VAL B 72 17.72 -2.68 -2.17
CA VAL B 72 16.80 -1.77 -1.53
C VAL B 72 16.92 -0.42 -2.21
N GLU B 73 15.78 0.22 -2.45
CA GLU B 73 15.79 1.56 -3.03
C GLU B 73 15.77 2.61 -1.93
N TYR B 74 16.72 3.53 -2.02
CA TYR B 74 16.89 4.53 -1.00
C TYR B 74 16.66 5.91 -1.57
N VAL B 75 16.15 6.80 -0.73
CA VAL B 75 16.17 8.22 -1.03
C VAL B 75 17.35 8.90 -0.34
N VAL B 76 18.19 9.54 -1.13
CA VAL B 76 19.34 10.25 -0.61
C VAL B 76 19.12 11.74 -0.75
N SER B 77 19.08 12.43 0.38
CA SER B 77 18.81 13.86 0.38
C SER B 77 20.01 14.66 0.90
N VAL B 78 20.30 15.78 0.26
CA VAL B 78 21.33 16.67 0.73
C VAL B 78 20.76 17.99 1.21
N TYR B 79 21.11 18.40 2.42
CA TYR B 79 20.69 19.69 2.96
C TYR B 79 21.90 20.59 3.10
N ALA B 80 21.77 21.85 2.72
CA ALA B 80 22.84 22.81 2.88
C ALA B 80 22.58 23.66 4.08
N GLN B 81 23.59 23.82 4.92
CA GLN B 81 23.44 24.67 6.10
C GLN B 81 24.04 26.05 5.88
N ASN B 82 23.21 27.08 6.07
CA ASN B 82 23.66 28.45 5.90
C ASN B 82 24.21 28.97 7.23
N PRO B 83 24.91 30.11 7.22
CA PRO B 83 25.52 30.62 8.46
C PRO B 83 24.58 30.92 9.63
N SER B 84 23.31 31.23 9.39
CA SER B 84 22.41 31.49 10.51
C SER B 84 21.97 30.20 11.20
N GLY B 85 22.36 29.06 10.67
CA GLY B 85 22.00 27.78 11.29
C GLY B 85 20.85 27.02 10.69
N GLU B 86 20.27 27.55 9.63
CA GLU B 86 19.17 26.86 8.98
C GLU B 86 19.69 25.76 8.09
N SER B 87 18.93 24.67 8.01
CA SER B 87 19.26 23.60 7.10
C SER B 87 18.20 23.47 6.00
N GLN B 88 18.63 23.68 4.76
CA GLN B 88 17.74 23.75 3.62
C GLN B 88 17.95 22.67 2.56
N PRO B 89 16.86 22.07 2.10
CA PRO B 89 16.93 21.05 1.05
C PRO B 89 17.63 21.56 -0.19
N LEU B 90 18.68 20.86 -0.61
CA LEU B 90 19.48 21.26 -1.77
C LEU B 90 19.17 20.42 -2.99
N VAL B 91 19.26 19.11 -2.83
CA VAL B 91 19.07 18.18 -3.92
C VAL B 91 18.74 16.81 -3.34
N GLN B 92 17.99 15.98 -4.05
CA GLN B 92 17.74 14.63 -3.53
C GLN B 92 17.56 13.69 -4.69
N THR B 93 17.80 12.40 -4.48
CA THR B 93 17.64 11.40 -5.54
C THR B 93 17.34 10.01 -5.02
N ALA B 94 16.79 9.15 -5.87
CA ALA B 94 16.52 7.77 -5.45
C ALA B 94 17.54 6.86 -6.06
N VAL B 95 18.04 5.93 -5.23
CA VAL B 95 19.05 4.99 -5.66
C VAL B 95 18.73 3.64 -5.08
N THR B 96 19.00 2.61 -5.86
CA THR B 96 18.76 1.23 -5.45
C THR B 96 20.08 0.50 -5.40
N THR B 97 20.36 -0.14 -4.27
CA THR B 97 21.59 -0.92 -4.14
C THR B 97 21.49 -2.17 -5.02
N ILE B 98 22.62 -2.59 -5.60
CA ILE B 98 22.63 -3.76 -6.44
C ILE B 98 22.70 -4.99 -5.55
N PRO B 99 22.41 -6.18 -6.11
CA PRO B 99 22.47 -7.40 -5.30
C PRO B 99 23.89 -7.74 -4.92
N ALA B 100 24.03 -8.57 -3.90
CA ALA B 100 25.32 -9.02 -3.42
C ALA B 100 26.07 -9.88 -4.43
N GLN C 13 1.11 12.20 -29.33
CA GLN C 13 1.55 10.80 -29.42
C GLN C 13 0.39 9.85 -29.21
N MET C 14 -0.37 10.05 -28.14
CA MET C 14 -1.55 9.25 -27.90
C MET C 14 -2.69 10.13 -27.44
N GLN C 15 -3.89 9.90 -27.96
CA GLN C 15 -5.07 10.66 -27.57
C GLN C 15 -6.22 9.80 -27.02
N VAL C 16 -6.93 10.28 -26.02
CA VAL C 16 -8.11 9.61 -25.51
C VAL C 16 -9.39 10.15 -26.16
N THR C 17 -10.07 9.26 -26.89
CA THR C 17 -11.23 9.61 -27.72
C THR C 17 -12.59 9.56 -27.02
N ASP C 18 -12.72 8.68 -26.05
CA ASP C 18 -14.01 8.51 -25.40
C ASP C 18 -13.78 7.74 -24.13
N VAL C 19 -14.39 8.19 -23.06
CA VAL C 19 -14.35 7.49 -21.80
C VAL C 19 -15.75 7.20 -21.35
N GLN C 20 -16.07 5.94 -21.16
CA GLN C 20 -17.33 5.61 -20.56
C GLN C 20 -17.07 4.92 -19.25
N ASP C 21 -18.06 4.27 -18.69
CA ASP C 21 -17.89 3.58 -17.43
C ASP C 21 -17.36 2.16 -17.61
N ASN C 22 -17.51 1.57 -18.78
CA ASN C 22 -16.99 0.22 -18.98
C ASN C 22 -16.18 0.13 -20.25
N SER C 23 -15.83 1.28 -20.80
CA SER C 23 -15.03 1.31 -22.00
C SER C 23 -14.19 2.56 -22.14
N ILE C 24 -13.14 2.47 -22.94
CA ILE C 24 -12.25 3.57 -23.26
C ILE C 24 -11.88 3.52 -24.73
N SER C 25 -11.86 4.67 -25.39
CA SER C 25 -11.42 4.68 -26.77
C SER C 25 -10.18 5.51 -26.92
N VAL C 26 -9.20 4.97 -27.63
CA VAL C 26 -7.94 5.64 -27.79
C VAL C 26 -7.53 5.75 -29.25
N LYS C 27 -6.59 6.63 -29.50
CA LYS C 27 -6.06 6.84 -30.82
C LYS C 27 -4.58 7.13 -30.72
N TRP C 28 -3.76 6.47 -31.52
CA TRP C 28 -2.34 6.74 -31.42
C TRP C 28 -1.74 7.12 -32.77
N LEU C 29 -0.61 7.81 -32.70
CA LEU C 29 0.17 8.14 -33.87
C LEU C 29 0.81 6.87 -34.40
N PRO C 30 0.79 6.69 -35.72
CA PRO C 30 1.41 5.53 -36.36
C PRO C 30 2.88 5.48 -36.11
N SER C 31 3.44 4.27 -36.08
CA SER C 31 4.86 4.09 -35.93
C SER C 31 5.65 4.71 -37.08
N SER C 32 6.77 5.34 -36.74
CA SER C 32 7.71 5.85 -37.73
C SER C 32 8.34 4.70 -38.52
N SER C 33 8.59 3.59 -37.83
CA SER C 33 9.26 2.46 -38.43
C SER C 33 8.26 1.50 -39.05
N PRO C 34 8.74 0.53 -39.85
CA PRO C 34 7.82 -0.44 -40.44
C PRO C 34 7.13 -1.24 -39.38
N VAL C 35 5.87 -1.57 -39.61
CA VAL C 35 5.07 -2.23 -38.60
C VAL C 35 4.15 -3.29 -39.21
N THR C 36 4.08 -4.47 -38.60
CA THR C 36 3.16 -5.52 -39.03
C THR C 36 1.86 -5.48 -38.26
N GLY C 37 1.79 -4.66 -37.22
CA GLY C 37 0.59 -4.55 -36.45
C GLY C 37 0.80 -3.91 -35.08
N TYR C 38 -0.26 -3.80 -34.31
CA TYR C 38 -0.18 -3.22 -33.00
C TYR C 38 -0.77 -4.12 -31.94
N ARG C 39 -0.24 -4.00 -30.72
CA ARG C 39 -0.80 -4.68 -29.58
C ARG C 39 -1.20 -3.63 -28.56
N VAL C 40 -2.41 -3.72 -28.03
CA VAL C 40 -2.82 -2.77 -27.03
C VAL C 40 -3.12 -3.52 -25.73
N THR C 41 -2.48 -3.13 -24.64
CA THR C 41 -2.79 -3.75 -23.36
C THR C 41 -3.45 -2.73 -22.46
N THR C 42 -4.38 -3.21 -21.65
CA THR C 42 -5.04 -2.36 -20.69
C THR C 42 -4.97 -3.02 -19.34
N THR C 43 -4.45 -2.30 -18.35
CA THR C 43 -4.32 -2.92 -17.05
C THR C 43 -4.64 -1.96 -15.95
N PRO C 44 -5.27 -2.49 -14.90
CA PRO C 44 -5.51 -1.69 -13.71
C PRO C 44 -4.18 -1.20 -13.18
N LYS C 45 -4.07 0.10 -13.04
CA LYS C 45 -2.84 0.70 -12.58
C LYS C 45 -2.51 0.12 -11.22
N ASN C 46 -3.42 0.30 -10.28
CA ASN C 46 -3.20 -0.20 -8.93
C ASN C 46 -4.08 -1.41 -8.65
N GLY C 47 -5.30 -1.32 -9.18
CA GLY C 47 -6.31 -2.35 -9.13
C GLY C 47 -5.87 -3.80 -9.25
N PRO C 48 -6.53 -4.67 -8.47
CA PRO C 48 -6.32 -6.12 -8.47
C PRO C 48 -6.52 -6.82 -9.83
N GLY C 49 -7.49 -6.37 -10.63
CA GLY C 49 -7.87 -7.03 -11.87
C GLY C 49 -6.84 -7.48 -12.91
N PRO C 50 -7.33 -8.14 -13.96
CA PRO C 50 -6.60 -8.80 -15.05
C PRO C 50 -6.16 -7.82 -16.12
N THR C 51 -5.22 -8.21 -16.96
CA THR C 51 -4.80 -7.37 -18.07
C THR C 51 -5.46 -7.79 -19.37
N LYS C 52 -6.07 -6.83 -20.07
CA LYS C 52 -6.66 -7.08 -21.38
C LYS C 52 -5.74 -6.77 -22.53
N THR C 53 -5.83 -7.59 -23.58
CA THR C 53 -5.03 -7.38 -24.79
C THR C 53 -5.90 -7.51 -26.01
N LYS C 54 -5.63 -6.67 -26.98
CA LYS C 54 -6.37 -6.68 -28.19
C LYS C 54 -5.35 -6.35 -29.26
N THR C 55 -5.45 -7.00 -30.42
CA THR C 55 -4.49 -6.81 -31.50
C THR C 55 -5.10 -6.05 -32.65
N ALA C 56 -4.28 -5.31 -33.37
CA ALA C 56 -4.71 -4.61 -34.54
C ALA C 56 -3.67 -4.79 -35.63
N GLY C 57 -4.10 -4.63 -36.87
CA GLY C 57 -3.22 -4.65 -38.02
C GLY C 57 -2.58 -3.30 -38.23
N PRO C 58 -1.62 -3.22 -39.14
CA PRO C 58 -0.80 -2.03 -39.35
C PRO C 58 -1.59 -0.82 -39.82
N ASP C 59 -2.83 -0.98 -40.24
CA ASP C 59 -3.59 0.21 -40.65
C ASP C 59 -4.62 0.72 -39.64
N GLN C 60 -4.86 -0.04 -38.58
CA GLN C 60 -5.72 0.40 -37.48
C GLN C 60 -4.92 1.18 -36.47
N THR C 61 -5.21 2.45 -36.26
CA THR C 61 -4.51 3.20 -35.22
C THR C 61 -5.46 3.75 -34.16
N GLU C 62 -6.66 3.19 -34.11
CA GLU C 62 -7.62 3.54 -33.09
C GLU C 62 -8.09 2.25 -32.47
N MET C 63 -8.62 2.34 -31.25
CA MET C 63 -9.21 1.18 -30.63
C MET C 63 -10.15 1.56 -29.50
N THR C 64 -11.19 0.76 -29.37
CA THR C 64 -12.07 0.81 -28.25
C THR C 64 -11.88 -0.44 -27.43
N ILE C 65 -11.66 -0.26 -26.13
CA ILE C 65 -11.51 -1.38 -25.22
C ILE C 65 -12.75 -1.46 -24.36
N GLU C 66 -13.36 -2.63 -24.32
CA GLU C 66 -14.61 -2.80 -23.59
C GLU C 66 -14.44 -3.79 -22.45
N GLY C 67 -15.49 -3.92 -21.64
CA GLY C 67 -15.45 -4.88 -20.56
C GLY C 67 -14.68 -4.38 -19.37
N LEU C 68 -14.62 -3.06 -19.21
CA LEU C 68 -13.88 -2.46 -18.11
C LEU C 68 -14.75 -2.23 -16.90
N GLN C 69 -14.14 -1.91 -15.78
CA GLN C 69 -14.87 -1.61 -14.57
C GLN C 69 -15.01 -0.11 -14.39
N PRO C 70 -16.11 0.34 -13.79
CA PRO C 70 -16.33 1.76 -13.53
C PRO C 70 -15.42 2.31 -12.45
N THR C 71 -14.97 3.55 -12.59
CA THR C 71 -14.12 4.21 -11.59
C THR C 71 -12.84 3.46 -11.27
N VAL C 72 -12.27 2.82 -12.28
CA VAL C 72 -10.98 2.20 -12.19
C VAL C 72 -9.99 2.94 -13.08
N GLU C 73 -8.77 3.19 -12.59
CA GLU C 73 -7.74 3.80 -13.42
C GLU C 73 -6.93 2.74 -14.12
N TYR C 74 -6.81 2.90 -15.43
CA TYR C 74 -6.16 1.92 -16.27
C TYR C 74 -4.93 2.47 -16.90
N VAL C 75 -3.96 1.62 -17.12
CA VAL C 75 -2.87 1.97 -18.00
C VAL C 75 -3.17 1.40 -19.37
N VAL C 76 -3.14 2.25 -20.38
CA VAL C 76 -3.30 1.78 -21.75
C VAL C 76 -2.00 1.90 -22.49
N SER C 77 -1.44 0.76 -22.89
CA SER C 77 -0.14 0.72 -23.53
C SER C 77 -0.27 0.21 -24.94
N VAL C 78 0.46 0.85 -25.85
CA VAL C 78 0.49 0.43 -27.24
C VAL C 78 1.86 -0.08 -27.65
N TYR C 79 1.90 -1.29 -28.20
CA TYR C 79 3.14 -1.87 -28.70
C TYR C 79 3.09 -1.94 -30.21
N ALA C 80 4.19 -1.56 -30.86
CA ALA C 80 4.28 -1.69 -32.29
C ALA C 80 5.02 -2.97 -32.59
N GLN C 81 4.46 -3.80 -33.47
CA GLN C 81 5.10 -5.04 -33.85
C GLN C 81 5.76 -4.85 -35.20
N ASN C 82 7.08 -5.03 -35.25
CA ASN C 82 7.84 -4.78 -36.48
C ASN C 82 8.04 -6.06 -37.30
N PRO C 83 8.51 -5.92 -38.56
CA PRO C 83 8.65 -7.09 -39.44
C PRO C 83 9.55 -8.19 -38.89
N SER C 84 10.50 -7.84 -38.04
CA SER C 84 11.41 -8.84 -37.46
C SER C 84 10.77 -9.75 -36.43
N GLY C 85 9.55 -9.44 -36.01
CA GLY C 85 8.86 -10.23 -35.02
C GLY C 85 8.88 -9.67 -33.61
N GLU C 86 9.54 -8.53 -33.43
CA GLU C 86 9.63 -7.84 -32.14
C GLU C 86 8.44 -6.91 -31.83
N SER C 87 8.10 -6.78 -30.54
CA SER C 87 7.06 -5.87 -30.08
C SER C 87 7.72 -4.74 -29.33
N GLN C 88 7.57 -3.50 -29.79
CA GLN C 88 8.26 -2.41 -29.10
C GLN C 88 7.31 -1.43 -28.50
N PRO C 89 7.56 -1.04 -27.25
CA PRO C 89 6.71 -0.07 -26.59
C PRO C 89 6.66 1.20 -27.38
N LEU C 90 5.47 1.63 -27.71
CA LEU C 90 5.30 2.83 -28.49
C LEU C 90 4.87 4.02 -27.66
N VAL C 91 3.77 3.85 -26.95
CA VAL C 91 3.21 4.93 -26.17
C VAL C 91 2.26 4.33 -25.14
N GLN C 92 2.10 5.00 -24.00
CA GLN C 92 1.16 4.54 -23.00
C GLN C 92 0.55 5.69 -22.25
N THR C 93 -0.62 5.45 -21.67
CA THR C 93 -1.27 6.49 -20.91
C THR C 93 -2.16 5.92 -19.82
N ALA C 94 -2.49 6.75 -18.86
CA ALA C 94 -3.42 6.35 -17.81
C ALA C 94 -4.74 7.06 -18.06
N VAL C 95 -5.82 6.31 -17.91
CA VAL C 95 -7.16 6.81 -18.14
C VAL C 95 -8.02 6.21 -17.05
N THR C 96 -9.01 6.94 -16.58
CA THR C 96 -9.92 6.45 -15.56
C THR C 96 -11.34 6.37 -16.10
N THR C 97 -11.99 5.22 -15.99
CA THR C 97 -13.36 5.12 -16.42
C THR C 97 -14.22 5.90 -15.45
N ILE C 98 -15.31 6.47 -15.97
CA ILE C 98 -16.24 7.23 -15.16
C ILE C 98 -17.14 6.27 -14.41
N PRO C 99 -17.85 6.77 -13.39
CA PRO C 99 -18.79 5.94 -12.65
C PRO C 99 -20.10 5.65 -13.39
N ALA C 100 -20.83 4.65 -12.95
CA ALA C 100 -22.20 4.49 -13.37
C ALA C 100 -22.95 5.64 -12.71
N PRO C 101 -23.93 6.24 -13.41
CA PRO C 101 -24.60 7.42 -12.85
C PRO C 101 -25.57 7.07 -11.72
N GLN D 13 20.44 7.36 -22.78
CA GLN D 13 19.56 6.72 -23.76
C GLN D 13 19.48 5.21 -23.67
N MET D 14 18.27 4.70 -23.47
CA MET D 14 18.04 3.28 -23.55
C MET D 14 16.78 3.01 -24.36
N GLN D 15 16.86 2.03 -25.25
CA GLN D 15 15.71 1.67 -26.06
C GLN D 15 15.27 0.27 -25.71
N VAL D 16 13.98 0.05 -25.62
CA VAL D 16 13.51 -1.30 -25.43
C VAL D 16 13.31 -1.85 -26.83
N THR D 17 14.08 -2.88 -27.16
CA THR D 17 14.10 -3.39 -28.52
C THR D 17 13.02 -4.45 -28.70
N ASP D 18 12.59 -5.09 -27.61
CA ASP D 18 11.60 -6.16 -27.69
C ASP D 18 10.95 -6.51 -26.36
N VAL D 19 9.64 -6.65 -26.33
CA VAL D 19 8.94 -7.11 -25.14
C VAL D 19 8.11 -8.36 -25.40
N GLN D 20 8.40 -9.42 -24.68
CA GLN D 20 7.60 -10.64 -24.76
C GLN D 20 6.87 -10.85 -23.46
N ASP D 21 6.39 -12.05 -23.24
CA ASP D 21 5.67 -12.33 -22.01
C ASP D 21 6.64 -12.77 -20.93
N ASN D 22 7.79 -13.29 -21.30
CA ASN D 22 8.74 -13.73 -20.29
C ASN D 22 10.14 -13.21 -20.52
N SER D 23 10.29 -12.25 -21.41
CA SER D 23 11.61 -11.70 -21.65
C SER D 23 11.52 -10.27 -22.15
N ILE D 24 12.60 -9.52 -21.96
CA ILE D 24 12.69 -8.13 -22.39
C ILE D 24 14.03 -7.90 -23.07
N SER D 25 14.06 -7.16 -24.15
CA SER D 25 15.32 -6.83 -24.80
C SER D 25 15.57 -5.33 -24.81
N VAL D 26 16.77 -4.94 -24.41
CA VAL D 26 17.11 -3.55 -24.33
C VAL D 26 18.38 -3.23 -25.07
N LYS D 27 18.58 -1.95 -25.29
CA LYS D 27 19.78 -1.47 -25.91
C LYS D 27 20.13 -0.12 -25.31
N TRP D 28 21.38 0.08 -24.96
CA TRP D 28 21.75 1.36 -24.38
C TRP D 28 22.89 2.00 -25.17
N LEU D 29 22.99 3.31 -25.07
CA LEU D 29 24.14 3.99 -25.64
C LEU D 29 25.35 3.71 -24.81
N PRO D 30 26.48 3.54 -25.47
CA PRO D 30 27.73 3.31 -24.76
C PRO D 30 28.07 4.44 -23.81
N SER D 31 28.80 4.10 -22.75
CA SER D 31 29.32 5.08 -21.80
C SER D 31 30.31 6.01 -22.47
N SER D 32 30.18 7.30 -22.20
CA SER D 32 31.13 8.30 -22.65
C SER D 32 32.49 8.05 -21.98
N SER D 33 32.45 7.57 -20.75
CA SER D 33 33.65 7.34 -19.97
C SER D 33 34.22 5.96 -20.21
N PRO D 34 35.44 5.72 -19.75
CA PRO D 34 35.95 4.37 -19.88
C PRO D 34 35.17 3.38 -19.05
N VAL D 35 35.04 2.18 -19.59
CA VAL D 35 34.23 1.16 -18.97
C VAL D 35 34.91 -0.16 -19.07
N THR D 36 34.86 -0.89 -17.97
CA THR D 36 35.37 -2.23 -17.88
C THR D 36 34.27 -3.24 -18.12
N GLY D 37 33.04 -2.77 -18.13
CA GLY D 37 31.87 -3.60 -18.35
C GLY D 37 30.59 -2.93 -17.87
N TYR D 38 29.46 -3.62 -18.01
CA TYR D 38 28.16 -3.09 -17.57
C TYR D 38 27.47 -4.13 -16.70
N ARG D 39 26.63 -3.66 -15.79
CA ARG D 39 25.80 -4.52 -14.97
C ARG D 39 24.35 -4.17 -15.23
N VAL D 40 23.51 -5.16 -15.48
CA VAL D 40 22.10 -4.88 -15.71
C VAL D 40 21.26 -5.57 -14.67
N THR D 41 20.40 -4.82 -13.99
CA THR D 41 19.47 -5.45 -13.08
C THR D 41 18.03 -5.34 -13.59
N THR D 42 17.25 -6.36 -13.28
CA THR D 42 15.86 -6.35 -13.63
C THR D 42 15.12 -6.67 -12.35
N THR D 43 14.19 -5.81 -11.98
CA THR D 43 13.45 -6.03 -10.75
C THR D 43 12.02 -5.55 -10.93
N PRO D 44 11.07 -6.28 -10.34
CA PRO D 44 9.67 -5.87 -10.33
C PRO D 44 9.53 -4.52 -9.67
N LYS D 45 8.92 -3.57 -10.35
CA LYS D 45 8.80 -2.23 -9.82
C LYS D 45 7.94 -2.23 -8.56
N ASN D 46 6.96 -3.12 -8.49
CA ASN D 46 6.06 -3.22 -7.35
C ASN D 46 6.33 -4.46 -6.53
N GLY D 47 5.53 -5.49 -6.80
CA GLY D 47 5.59 -6.79 -6.17
C GLY D 47 6.90 -7.35 -5.65
N PRO D 48 6.82 -8.48 -4.94
CA PRO D 48 7.98 -9.20 -4.39
C PRO D 48 8.96 -9.59 -5.48
N GLY D 49 9.23 -10.88 -5.57
CA GLY D 49 10.10 -11.39 -6.61
C GLY D 49 11.53 -10.90 -6.54
N PRO D 50 12.43 -11.75 -7.00
CA PRO D 50 13.86 -11.57 -6.91
C PRO D 50 14.35 -10.59 -7.96
N THR D 51 15.56 -10.10 -7.75
CA THR D 51 16.23 -9.22 -8.67
C THR D 51 17.17 -10.05 -9.50
N LYS D 52 17.12 -9.89 -10.81
CA LYS D 52 18.07 -10.53 -11.69
C LYS D 52 19.24 -9.61 -11.96
N THR D 53 20.42 -10.19 -12.14
CA THR D 53 21.59 -9.42 -12.47
C THR D 53 22.30 -10.10 -13.60
N LYS D 54 22.82 -9.31 -14.51
CA LYS D 54 23.52 -9.82 -15.68
C LYS D 54 24.65 -8.92 -16.07
N THR D 55 25.73 -9.50 -16.54
CA THR D 55 26.87 -8.69 -16.93
C THR D 55 27.10 -8.76 -18.42
N ALA D 56 27.66 -7.68 -18.94
CA ALA D 56 28.01 -7.56 -20.33
C ALA D 56 29.42 -7.02 -20.39
N GLY D 57 30.11 -7.29 -21.47
CA GLY D 57 31.46 -6.78 -21.61
C GLY D 57 31.34 -5.36 -22.06
N PRO D 58 32.45 -4.64 -22.05
CA PRO D 58 32.51 -3.22 -22.36
C PRO D 58 32.18 -2.90 -23.83
N ASP D 59 32.12 -3.90 -24.69
CA ASP D 59 31.70 -3.61 -26.07
C ASP D 59 30.27 -4.00 -26.36
N GLN D 60 29.65 -4.71 -25.42
CA GLN D 60 28.26 -5.09 -25.50
C GLN D 60 27.28 -4.04 -25.02
N THR D 61 26.41 -3.58 -25.89
CA THR D 61 25.37 -2.62 -25.47
C THR D 61 23.97 -3.15 -25.67
N GLU D 62 23.82 -4.46 -25.81
CA GLU D 62 22.50 -5.08 -25.95
C GLU D 62 22.33 -6.18 -24.95
N MET D 63 21.10 -6.51 -24.62
CA MET D 63 20.86 -7.64 -23.74
C MET D 63 19.45 -8.14 -23.81
N THR D 64 19.27 -9.44 -23.70
CA THR D 64 17.95 -10.00 -23.55
C THR D 64 17.87 -10.62 -22.17
N ILE D 65 16.91 -10.21 -21.37
CA ILE D 65 16.76 -10.74 -20.04
C ILE D 65 15.57 -11.67 -20.05
N GLU D 66 15.78 -12.90 -19.60
CA GLU D 66 14.76 -13.93 -19.68
C GLU D 66 14.29 -14.40 -18.31
N GLY D 67 13.30 -15.27 -18.28
CA GLY D 67 12.85 -15.82 -17.02
C GLY D 67 11.92 -14.86 -16.30
N LEU D 68 11.25 -14.02 -17.06
CA LEU D 68 10.34 -13.04 -16.49
C LEU D 68 8.90 -13.55 -16.43
N GLN D 69 8.08 -12.88 -15.65
CA GLN D 69 6.69 -13.22 -15.50
C GLN D 69 5.87 -12.33 -16.42
N PRO D 70 4.77 -12.85 -16.95
CA PRO D 70 3.90 -12.05 -17.82
C PRO D 70 3.12 -11.01 -17.03
N THR D 71 2.88 -9.86 -17.64
CA THR D 71 2.14 -8.76 -17.05
C THR D 71 2.74 -8.26 -15.74
N VAL D 72 4.06 -8.27 -15.65
CA VAL D 72 4.72 -7.66 -14.53
C VAL D 72 5.47 -6.45 -15.06
N GLU D 73 5.42 -5.34 -14.34
CA GLU D 73 6.19 -4.18 -14.69
C GLU D 73 7.55 -4.27 -14.06
N TYR D 74 8.60 -4.13 -14.87
CA TYR D 74 9.96 -4.23 -14.40
C TYR D 74 10.74 -2.94 -14.53
N VAL D 75 11.66 -2.69 -13.61
CA VAL D 75 12.66 -1.65 -13.82
C VAL D 75 13.92 -2.31 -14.34
N VAL D 76 14.43 -1.85 -15.47
CA VAL D 76 15.69 -2.34 -15.98
C VAL D 76 16.72 -1.26 -15.88
N SER D 77 17.75 -1.49 -15.09
CA SER D 77 18.80 -0.50 -14.83
C SER D 77 20.14 -0.92 -15.39
N VAL D 78 20.84 0.00 -16.02
CA VAL D 78 22.16 -0.30 -16.54
C VAL D 78 23.24 0.47 -15.80
N TYR D 79 24.24 -0.25 -15.31
CA TYR D 79 25.36 0.35 -14.62
C TYR D 79 26.65 0.21 -15.38
N ALA D 80 27.41 1.29 -15.46
CA ALA D 80 28.70 1.22 -16.11
C ALA D 80 29.78 1.00 -15.06
N GLN D 81 30.67 0.04 -15.29
CA GLN D 81 31.76 -0.26 -14.39
C GLN D 81 33.03 0.40 -14.92
N ASN D 82 33.62 1.31 -14.14
CA ASN D 82 34.80 2.02 -14.60
C ASN D 82 36.11 1.39 -14.09
N PRO D 83 37.26 1.81 -14.65
CA PRO D 83 38.51 1.17 -14.24
C PRO D 83 38.82 1.28 -12.76
N SER D 84 38.37 2.34 -12.11
CA SER D 84 38.59 2.54 -10.69
C SER D 84 37.75 1.63 -9.79
N GLY D 85 36.86 0.83 -10.36
CA GLY D 85 36.08 -0.11 -9.58
C GLY D 85 34.68 0.31 -9.17
N GLU D 86 34.28 1.50 -9.59
CA GLU D 86 32.94 1.99 -9.29
C GLU D 86 31.86 1.54 -10.28
N SER D 87 30.65 1.30 -9.79
CA SER D 87 29.51 1.03 -10.67
C SER D 87 28.62 2.23 -10.63
N GLN D 88 28.48 2.87 -11.78
CA GLN D 88 27.74 4.09 -11.84
C GLN D 88 26.49 3.90 -12.65
N PRO D 89 25.36 4.36 -12.11
CA PRO D 89 24.05 4.29 -12.77
C PRO D 89 24.15 5.00 -14.08
N LEU D 90 23.87 4.29 -15.14
CA LEU D 90 24.00 4.82 -16.48
C LEU D 90 22.64 5.25 -17.01
N VAL D 91 21.69 4.32 -17.01
CA VAL D 91 20.36 4.58 -17.51
C VAL D 91 19.41 3.53 -16.96
N GLN D 92 18.15 3.87 -16.77
CA GLN D 92 17.17 2.88 -16.36
C GLN D 92 15.80 3.16 -17.00
N THR D 93 14.97 2.14 -17.12
CA THR D 93 13.67 2.34 -17.70
C THR D 93 12.69 1.33 -17.17
N ALA D 94 11.40 1.65 -17.24
CA ALA D 94 10.39 0.71 -16.81
C ALA D 94 9.75 0.09 -18.05
N VAL D 95 9.56 -1.22 -17.98
CA VAL D 95 9.01 -2.04 -19.04
C VAL D 95 8.08 -3.06 -18.41
N THR D 96 6.97 -3.33 -19.08
CA THR D 96 5.99 -4.28 -18.60
C THR D 96 5.91 -5.43 -19.58
N THR D 97 5.99 -6.65 -19.11
CA THR D 97 5.79 -7.78 -19.98
C THR D 97 4.35 -7.87 -20.41
N ILE D 98 4.12 -8.31 -21.64
CA ILE D 98 2.78 -8.50 -22.17
C ILE D 98 2.21 -9.84 -21.67
N PRO D 99 0.89 -10.06 -21.80
CA PRO D 99 0.36 -11.32 -21.29
C PRO D 99 0.83 -12.52 -22.05
N ALA D 100 0.78 -13.69 -21.40
CA ALA D 100 1.14 -14.95 -22.03
C ALA D 100 0.11 -15.39 -23.06
N PRO D 101 0.60 -16.03 -24.14
CA PRO D 101 -0.23 -16.48 -25.25
C PRO D 101 -1.03 -17.72 -24.88
N GLN E 13 7.37 28.95 -6.27
CA GLN E 13 6.95 30.05 -5.41
C GLN E 13 6.84 29.67 -3.93
N MET E 14 7.45 28.55 -3.54
CA MET E 14 7.55 28.24 -2.12
C MET E 14 8.94 27.74 -1.80
N GLN E 15 9.54 28.28 -0.74
CA GLN E 15 10.87 27.83 -0.35
C GLN E 15 10.85 27.21 1.02
N VAL E 16 11.59 26.12 1.16
CA VAL E 16 11.79 25.53 2.47
C VAL E 16 13.04 26.18 3.04
N THR E 17 12.86 26.92 4.14
CA THR E 17 13.94 27.69 4.73
C THR E 17 14.72 26.92 5.79
N ASP E 18 14.12 25.89 6.36
CA ASP E 18 14.77 25.15 7.42
C ASP E 18 14.12 23.79 7.63
N VAL E 19 14.92 22.74 7.74
CA VAL E 19 14.35 21.45 8.09
C VAL E 19 15.00 20.89 9.33
N GLN E 20 14.21 20.68 10.38
CA GLN E 20 14.72 20.03 11.57
C GLN E 20 14.04 18.72 11.72
N ASP E 21 14.12 18.12 12.90
CA ASP E 21 13.52 16.82 13.07
C ASP E 21 12.06 16.91 13.47
N ASN E 22 11.66 18.02 14.07
CA ASN E 22 10.28 18.15 14.51
C ASN E 22 9.63 19.43 14.06
N SER E 23 10.27 20.12 13.13
CA SER E 23 9.71 21.34 12.61
C SER E 23 10.18 21.59 11.19
N ILE E 24 9.41 22.40 10.47
CA ILE E 24 9.71 22.80 9.10
C ILE E 24 9.48 24.29 8.96
N SER E 25 10.36 25.00 8.28
CA SER E 25 10.11 26.41 8.04
C SER E 25 10.02 26.72 6.56
N VAL E 26 8.97 27.43 6.18
CA VAL E 26 8.74 27.75 4.78
C VAL E 26 8.49 29.23 4.52
N LYS E 27 8.63 29.60 3.25
CA LYS E 27 8.40 30.93 2.71
C LYS E 27 7.71 30.83 1.37
N TRP E 28 6.69 31.63 1.15
CA TRP E 28 6.01 31.61 -0.13
C TRP E 28 5.95 33.00 -0.72
N LEU E 29 5.80 33.07 -2.03
CA LEU E 29 5.50 34.34 -2.69
C LEU E 29 4.09 34.74 -2.35
N PRO E 30 3.87 36.02 -2.04
CA PRO E 30 2.55 36.56 -1.73
C PRO E 30 1.59 36.39 -2.90
N SER E 31 0.30 36.34 -2.60
CA SER E 31 -0.69 36.28 -3.67
C SER E 31 -0.66 37.57 -4.48
N SER E 32 -0.77 37.43 -5.79
CA SER E 32 -0.90 38.60 -6.64
C SER E 32 -2.18 39.38 -6.33
N SER E 33 -3.24 38.65 -6.01
CA SER E 33 -4.55 39.25 -5.79
C SER E 33 -4.68 39.71 -4.34
N PRO E 34 -5.72 40.49 -4.04
CA PRO E 34 -5.84 40.86 -2.62
C PRO E 34 -6.09 39.64 -1.77
N VAL E 35 -5.57 39.67 -0.56
CA VAL E 35 -5.66 38.53 0.31
C VAL E 35 -5.92 39.06 1.69
N THR E 36 -6.82 38.44 2.43
CA THR E 36 -7.03 38.83 3.83
C THR E 36 -6.20 38.00 4.78
N GLY E 37 -5.54 36.97 4.25
CA GLY E 37 -4.69 36.11 5.05
C GLY E 37 -4.37 34.80 4.37
N TYR E 38 -3.60 33.95 5.04
CA TYR E 38 -3.20 32.68 4.48
C TYR E 38 -3.51 31.55 5.42
N ARG E 39 -3.72 30.38 4.85
CA ARG E 39 -3.86 29.17 5.60
C ARG E 39 -2.82 28.18 5.16
N VAL E 40 -2.11 27.62 6.12
CA VAL E 40 -1.07 26.64 5.86
C VAL E 40 -1.44 25.34 6.54
N THR E 41 -1.47 24.27 5.77
CA THR E 41 -1.73 22.98 6.34
C THR E 41 -0.51 22.13 6.18
N THR E 42 -0.32 21.24 7.13
CA THR E 42 0.75 20.26 7.08
C THR E 42 0.15 18.93 7.32
N THR E 43 0.40 17.99 6.44
CA THR E 43 -0.16 16.67 6.62
C THR E 43 0.82 15.64 6.10
N PRO E 44 0.86 14.47 6.74
CA PRO E 44 1.68 13.34 6.29
C PRO E 44 1.32 12.93 4.87
N LYS E 45 2.30 12.84 3.98
CA LYS E 45 2.02 12.60 2.58
C LYS E 45 1.37 11.26 2.26
N ASN E 46 1.65 10.23 3.05
CA ASN E 46 1.07 8.93 2.71
C ASN E 46 0.71 8.05 3.91
N GLY E 47 1.35 8.26 5.03
CA GLY E 47 0.96 7.53 6.22
C GLY E 47 -0.15 8.31 6.88
N PRO E 48 -1.31 7.67 7.07
CA PRO E 48 -2.45 8.31 7.74
C PRO E 48 -2.10 8.92 9.11
N GLY E 49 -2.18 10.25 9.19
CA GLY E 49 -1.90 10.93 10.43
C GLY E 49 -2.70 12.22 10.44
N PRO E 50 -2.56 13.03 11.50
CA PRO E 50 -3.45 14.18 11.64
C PRO E 50 -2.99 15.31 10.74
N THR E 51 -3.90 16.24 10.47
CA THR E 51 -3.55 17.40 9.67
C THR E 51 -3.41 18.61 10.54
N LYS E 52 -2.27 19.27 10.44
CA LYS E 52 -2.07 20.50 11.19
C LYS E 52 -2.47 21.67 10.32
N THR E 53 -3.04 22.69 10.94
CA THR E 53 -3.40 23.89 10.22
C THR E 53 -3.00 25.12 11.03
N LYS E 54 -2.53 26.15 10.34
CA LYS E 54 -2.10 27.37 10.99
C LYS E 54 -2.43 28.58 10.16
N THR E 55 -2.75 29.67 10.83
CA THR E 55 -3.21 30.89 10.19
C THR E 55 -2.12 31.93 10.13
N ALA E 56 -2.15 32.73 9.07
CA ALA E 56 -1.22 33.82 8.90
C ALA E 56 -2.00 35.04 8.45
N GLY E 57 -1.43 36.21 8.72
CA GLY E 57 -1.97 37.50 8.34
C GLY E 57 -1.63 37.84 6.91
N PRO E 58 -2.21 38.92 6.41
CA PRO E 58 -2.16 39.33 5.00
C PRO E 58 -0.80 39.63 4.38
N ASP E 59 0.28 39.86 5.12
CA ASP E 59 1.57 39.95 4.43
C ASP E 59 2.63 39.15 5.20
N GLN E 60 2.17 38.24 6.06
CA GLN E 60 3.04 37.22 6.61
C GLN E 60 3.22 36.21 5.50
N THR E 61 4.44 36.03 5.01
CA THR E 61 4.64 35.01 4.01
C THR E 61 5.63 33.94 4.44
N GLU E 62 5.87 33.85 5.74
CA GLU E 62 6.71 32.79 6.28
C GLU E 62 5.99 32.11 7.40
N MET E 63 6.35 30.86 7.68
CA MET E 63 5.88 30.24 8.90
C MET E 63 6.76 29.08 9.23
N THR E 64 6.84 28.78 10.51
CA THR E 64 7.49 27.61 11.00
C THR E 64 6.40 26.70 11.53
N ILE E 65 6.39 25.44 11.10
CA ILE E 65 5.43 24.52 11.63
C ILE E 65 6.13 23.57 12.57
N GLU E 66 5.59 23.40 13.78
CA GLU E 66 6.21 22.59 14.82
C GLU E 66 5.36 21.41 15.23
N GLY E 67 5.90 20.55 16.08
CA GLY E 67 5.16 19.40 16.58
C GLY E 67 5.12 18.28 15.57
N LEU E 68 6.10 18.29 14.68
CA LEU E 68 6.15 17.28 13.64
C LEU E 68 6.98 16.08 14.09
N GLN E 69 6.86 14.96 13.40
CA GLN E 69 7.61 13.76 13.69
C GLN E 69 8.83 13.63 12.79
N PRO E 70 9.89 13.00 13.29
CA PRO E 70 11.13 12.76 12.54
C PRO E 70 10.99 11.73 11.43
N THR E 71 11.68 11.94 10.33
CA THR E 71 11.66 11.06 9.16
C THR E 71 10.27 10.84 8.56
N VAL E 72 9.41 11.85 8.61
CA VAL E 72 8.12 11.75 7.99
C VAL E 72 8.09 12.68 6.80
N GLU E 73 7.52 12.23 5.68
CA GLU E 73 7.41 13.14 4.56
C GLU E 73 6.08 13.87 4.66
N TYR E 74 6.14 15.19 4.64
CA TYR E 74 4.94 16.00 4.80
C TYR E 74 4.67 16.77 3.52
N VAL E 75 3.39 16.97 3.24
CA VAL E 75 2.96 17.93 2.24
C VAL E 75 2.59 19.24 2.93
N VAL E 76 3.20 20.33 2.51
CA VAL E 76 2.85 21.63 3.07
C VAL E 76 2.11 22.46 2.03
N SER E 77 0.87 22.82 2.35
CA SER E 77 0.02 23.57 1.45
C SER E 77 -0.36 24.93 1.98
N VAL E 78 -0.25 25.93 1.12
CA VAL E 78 -0.59 27.29 1.45
C VAL E 78 -1.81 27.71 0.66
N TYR E 79 -2.83 28.19 1.35
CA TYR E 79 -4.03 28.70 0.72
C TYR E 79 -4.11 30.21 0.93
N ALA E 80 -4.47 30.95 -0.11
CA ALA E 80 -4.66 32.39 0.03
C ALA E 80 -6.12 32.66 0.28
N GLN E 81 -6.45 33.47 1.28
CA GLN E 81 -7.85 33.78 1.55
C GLN E 81 -8.20 35.18 1.08
N ASN E 82 -9.15 35.29 0.15
CA ASN E 82 -9.49 36.58 -0.42
C ASN E 82 -10.66 37.24 0.33
N PRO E 83 -10.91 38.54 0.09
CA PRO E 83 -11.97 39.26 0.81
C PRO E 83 -13.37 38.68 0.64
N SER E 84 -13.59 37.95 -0.45
CA SER E 84 -14.88 37.34 -0.69
C SER E 84 -15.21 36.16 0.19
N GLY E 85 -14.21 35.68 0.93
CA GLY E 85 -14.38 34.55 1.82
C GLY E 85 -13.90 33.25 1.20
N GLU E 86 -13.41 33.31 -0.02
CA GLU E 86 -12.91 32.13 -0.69
C GLU E 86 -11.51 31.80 -0.25
N SER E 87 -11.23 30.51 -0.23
CA SER E 87 -9.92 29.99 0.12
C SER E 87 -9.33 29.33 -1.12
N GLN E 88 -8.23 29.86 -1.64
CA GLN E 88 -7.65 29.34 -2.89
C GLN E 88 -6.26 28.74 -2.78
N PRO E 89 -6.06 27.55 -3.35
CA PRO E 89 -4.75 26.92 -3.34
C PRO E 89 -3.69 27.77 -4.00
N LEU E 90 -2.66 28.10 -3.26
CA LEU E 90 -1.64 28.99 -3.77
C LEU E 90 -0.43 28.21 -4.20
N VAL E 91 0.13 27.44 -3.28
CA VAL E 91 1.37 26.75 -3.55
C VAL E 91 1.47 25.56 -2.61
N GLN E 92 2.17 24.54 -3.03
CA GLN E 92 2.27 23.33 -2.24
C GLN E 92 3.63 22.68 -2.43
N THR E 93 4.11 21.93 -1.44
CA THR E 93 5.38 21.25 -1.59
C THR E 93 5.53 20.04 -0.65
N ALA E 94 6.42 19.14 -0.98
CA ALA E 94 6.66 18.01 -0.09
C ALA E 94 7.98 18.19 0.64
N VAL E 95 7.98 17.93 1.94
CA VAL E 95 9.20 18.06 2.72
C VAL E 95 9.30 16.92 3.71
N THR E 96 10.52 16.43 3.91
CA THR E 96 10.74 15.35 4.84
C THR E 96 11.56 15.84 6.04
N THR E 97 11.06 15.60 7.25
CA THR E 97 11.83 15.96 8.43
C THR E 97 13.04 15.03 8.55
N ILE E 98 14.14 15.57 9.05
CA ILE E 98 15.35 14.77 9.27
C ILE E 98 15.21 13.94 10.55
N PRO E 99 16.06 12.93 10.72
CA PRO E 99 15.96 12.06 11.90
C PRO E 99 16.38 12.66 13.24
N ALA E 100 15.88 12.02 14.28
CA ALA E 100 16.29 12.33 15.64
C ALA E 100 17.75 11.89 15.78
N PRO E 101 18.50 12.54 16.67
CA PRO E 101 19.95 12.28 16.77
C PRO E 101 20.30 10.89 17.32
N GLN F 13 5.97 -24.32 20.28
CA GLN F 13 6.09 -24.21 18.83
C GLN F 13 7.37 -23.49 18.42
N MET F 14 7.40 -22.16 18.56
CA MET F 14 8.63 -21.40 18.42
C MET F 14 8.70 -20.28 19.45
N GLN F 15 9.87 -20.09 20.07
CA GLN F 15 10.06 -18.97 20.97
C GLN F 15 11.12 -18.03 20.47
N VAL F 16 10.88 -16.74 20.66
CA VAL F 16 11.89 -15.73 20.40
C VAL F 16 12.64 -15.52 21.69
N THR F 17 13.91 -15.86 21.65
CA THR F 17 14.78 -15.92 22.81
C THR F 17 15.38 -14.58 23.14
N ASP F 18 15.58 -13.78 22.11
CA ASP F 18 16.28 -12.54 22.25
C ASP F 18 16.02 -11.65 21.03
N VAL F 19 15.68 -10.40 21.26
CA VAL F 19 15.54 -9.46 20.18
C VAL F 19 16.50 -8.33 20.44
N GLN F 20 17.44 -8.14 19.54
CA GLN F 20 18.34 -7.03 19.65
C GLN F 20 18.02 -6.05 18.55
N ASP F 21 18.95 -5.16 18.27
CA ASP F 21 18.76 -4.19 17.23
C ASP F 21 19.22 -4.74 15.90
N ASN F 22 20.15 -5.71 15.93
CA ASN F 22 20.70 -6.23 14.69
C ASN F 22 20.68 -7.74 14.64
N SER F 23 20.00 -8.35 15.58
CA SER F 23 19.94 -9.78 15.62
C SER F 23 18.69 -10.27 16.30
N ILE F 24 18.32 -11.50 16.00
CA ILE F 24 17.18 -12.15 16.63
C ILE F 24 17.59 -13.55 16.98
N SER F 25 17.19 -14.03 18.15
CA SER F 25 17.49 -15.42 18.49
C SER F 25 16.21 -16.20 18.68
N VAL F 26 16.14 -17.37 18.07
CA VAL F 26 14.93 -18.17 18.17
C VAL F 26 15.21 -19.59 18.62
N LYS F 27 14.14 -20.26 19.02
CA LYS F 27 14.21 -21.64 19.44
C LYS F 27 12.92 -22.35 19.03
N TRP F 28 13.03 -23.52 18.44
CA TRP F 28 11.85 -24.25 17.99
C TRP F 28 11.79 -25.68 18.50
N LEU F 29 10.59 -26.22 18.56
CA LEU F 29 10.41 -27.60 18.94
C LEU F 29 10.90 -28.48 17.82
N PRO F 30 11.56 -29.59 18.18
CA PRO F 30 12.01 -30.52 17.15
C PRO F 30 10.83 -31.05 16.36
N SER F 31 11.11 -31.43 15.12
CA SER F 31 10.15 -32.07 14.23
C SER F 31 9.74 -33.44 14.77
N SER F 32 8.47 -33.79 14.57
CA SER F 32 7.97 -35.10 14.96
C SER F 32 8.71 -36.20 14.21
N SER F 33 8.97 -35.93 12.94
CA SER F 33 9.59 -36.90 12.05
C SER F 33 11.10 -36.78 12.11
N PRO F 34 11.82 -37.75 11.52
CA PRO F 34 13.28 -37.64 11.43
C PRO F 34 13.71 -36.49 10.53
N VAL F 35 14.84 -35.86 10.84
CA VAL F 35 15.31 -34.69 10.09
C VAL F 35 16.82 -34.70 9.90
N THR F 36 17.28 -34.28 8.73
CA THR F 36 18.71 -34.17 8.44
C THR F 36 19.23 -32.79 8.84
N GLY F 37 18.30 -31.89 9.09
CA GLY F 37 18.66 -30.55 9.49
C GLY F 37 17.48 -29.63 9.32
N TYR F 38 17.71 -28.36 9.59
CA TYR F 38 16.71 -27.34 9.50
C TYR F 38 17.19 -26.20 8.64
N ARG F 39 16.26 -25.50 8.02
CA ARG F 39 16.58 -24.30 7.30
C ARG F 39 15.85 -23.15 7.90
N VAL F 40 16.56 -22.09 8.18
CA VAL F 40 15.91 -20.90 8.69
C VAL F 40 16.10 -19.74 7.71
N THR F 41 15.00 -19.10 7.34
CA THR F 41 15.06 -17.92 6.52
C THR F 41 14.61 -16.72 7.34
N THR F 42 15.20 -15.57 7.07
CA THR F 42 14.72 -14.35 7.69
C THR F 42 14.49 -13.35 6.59
N THR F 43 13.30 -12.78 6.56
CA THR F 43 12.97 -11.85 5.51
C THR F 43 12.09 -10.76 6.09
N PRO F 44 12.27 -9.52 5.62
CA PRO F 44 11.43 -8.39 6.03
C PRO F 44 9.95 -8.60 5.74
N LYS F 45 9.12 -8.50 6.76
CA LYS F 45 7.70 -8.68 6.57
C LYS F 45 7.33 -7.50 5.70
N ASN F 46 6.38 -7.67 4.79
CA ASN F 46 6.02 -6.62 3.82
C ASN F 46 7.32 -5.98 3.29
N GLY F 47 7.71 -4.85 3.88
CA GLY F 47 8.93 -4.12 3.60
C GLY F 47 9.91 -4.32 2.45
N PRO F 48 11.20 -4.03 2.73
CA PRO F 48 12.41 -3.94 1.90
C PRO F 48 12.75 -5.12 0.97
N GLY F 49 13.82 -5.84 1.29
CA GLY F 49 14.18 -6.91 0.39
C GLY F 49 14.95 -8.17 0.74
N PRO F 50 16.19 -8.06 1.22
CA PRO F 50 16.86 -9.36 1.16
C PRO F 50 16.43 -10.38 2.23
N THR F 51 16.55 -11.64 1.84
CA THR F 51 16.26 -12.78 2.69
C THR F 51 17.56 -13.40 3.13
N LYS F 52 17.71 -13.58 4.44
CA LYS F 52 18.86 -14.28 4.99
C LYS F 52 18.46 -15.72 5.14
N THR F 53 19.38 -16.63 4.86
CA THR F 53 19.05 -18.01 5.07
C THR F 53 20.21 -18.70 5.71
N LYS F 54 19.95 -19.56 6.70
CA LYS F 54 21.01 -20.30 7.38
C LYS F 54 20.50 -21.69 7.77
N THR F 55 21.36 -22.69 7.72
CA THR F 55 20.97 -24.06 8.02
C THR F 55 21.49 -24.54 9.36
N ALA F 56 20.80 -25.52 9.94
CA ALA F 56 21.16 -26.05 11.23
C ALA F 56 21.29 -27.55 11.17
N GLY F 57 22.06 -28.11 12.09
CA GLY F 57 22.22 -29.55 12.15
C GLY F 57 21.00 -30.13 12.82
N PRO F 58 20.83 -31.45 12.74
CA PRO F 58 19.63 -32.15 13.16
C PRO F 58 19.37 -32.04 14.64
N ASP F 59 20.37 -31.65 15.43
CA ASP F 59 20.17 -31.46 16.87
C ASP F 59 20.09 -30.01 17.28
N GLN F 60 20.39 -29.12 16.35
CA GLN F 60 20.28 -27.70 16.62
C GLN F 60 18.82 -27.29 16.46
N THR F 61 18.22 -26.82 17.55
CA THR F 61 16.86 -26.32 17.48
C THR F 61 16.81 -24.87 17.92
N GLU F 62 17.98 -24.23 17.94
CA GLU F 62 18.09 -22.82 18.29
C GLU F 62 18.89 -22.09 17.24
N MET F 63 18.66 -20.78 17.14
CA MET F 63 19.45 -20.01 16.20
C MET F 63 19.52 -18.55 16.50
N THR F 64 20.65 -17.97 16.15
CA THR F 64 20.78 -16.52 16.13
C THR F 64 20.98 -16.04 14.72
N ILE F 65 20.16 -15.09 14.30
CA ILE F 65 20.34 -14.49 12.98
C ILE F 65 20.87 -13.09 13.18
N GLU F 66 21.99 -12.79 12.55
CA GLU F 66 22.67 -11.52 12.76
C GLU F 66 22.62 -10.72 11.48
N GLY F 67 23.01 -9.45 11.54
CA GLY F 67 23.00 -8.63 10.35
C GLY F 67 21.64 -8.04 10.03
N LEU F 68 20.79 -7.89 11.03
CA LEU F 68 19.48 -7.33 10.80
C LEU F 68 19.49 -5.81 11.00
N GLN F 69 18.41 -5.18 10.56
CA GLN F 69 18.20 -3.75 10.70
C GLN F 69 17.29 -3.47 11.87
N PRO F 70 17.50 -2.34 12.56
CA PRO F 70 16.65 -1.98 13.68
C PRO F 70 15.27 -1.52 13.29
N THR F 71 14.29 -1.85 14.11
CA THR F 71 12.91 -1.48 13.91
C THR F 71 12.32 -1.97 12.60
N VAL F 72 12.79 -3.11 12.14
CA VAL F 72 12.25 -3.74 10.95
C VAL F 72 11.53 -5.00 11.42
N GLU F 73 10.34 -5.24 10.88
CA GLU F 73 9.64 -6.47 11.22
C GLU F 73 10.04 -7.55 10.26
N TYR F 74 10.41 -8.69 10.82
CA TYR F 74 10.89 -9.82 10.06
C TYR F 74 9.96 -11.01 10.19
N VAL F 75 9.92 -11.82 9.13
CA VAL F 75 9.32 -13.15 9.20
C VAL F 75 10.43 -14.15 9.45
N VAL F 76 10.31 -14.97 10.48
CA VAL F 76 11.30 -15.99 10.71
C VAL F 76 10.66 -17.35 10.44
N SER F 77 11.23 -18.06 9.47
CA SER F 77 10.68 -19.34 9.07
C SER F 77 11.63 -20.46 9.31
N VAL F 78 11.13 -21.54 9.86
CA VAL F 78 11.94 -22.72 10.02
C VAL F 78 11.37 -23.83 9.13
N TYR F 79 12.22 -24.42 8.30
CA TYR F 79 11.85 -25.57 7.47
C TYR F 79 12.57 -26.82 7.91
N ALA F 80 11.86 -27.94 7.97
CA ALA F 80 12.45 -29.22 8.35
C ALA F 80 12.86 -30.02 7.14
N GLN F 81 14.10 -30.52 7.14
CA GLN F 81 14.58 -31.33 6.03
C GLN F 81 14.63 -32.81 6.36
N ASN F 82 13.84 -33.60 5.63
CA ASN F 82 13.71 -35.03 5.86
C ASN F 82 14.72 -35.83 5.01
N PRO F 83 14.85 -37.14 5.25
CA PRO F 83 15.88 -37.89 4.49
C PRO F 83 15.71 -37.89 2.98
N SER F 84 14.47 -37.74 2.52
CA SER F 84 14.17 -37.75 1.09
C SER F 84 14.69 -36.52 0.38
N GLY F 85 15.13 -35.52 1.14
CA GLY F 85 15.64 -34.30 0.56
C GLY F 85 14.59 -33.21 0.53
N GLU F 86 13.41 -33.53 1.03
CA GLU F 86 12.32 -32.58 1.06
C GLU F 86 12.40 -31.62 2.24
N SER F 87 11.94 -30.39 2.02
CA SER F 87 11.88 -29.37 3.06
C SER F 87 10.45 -29.03 3.39
N GLN F 88 10.05 -29.20 4.64
CA GLN F 88 8.67 -28.96 4.99
C GLN F 88 8.57 -27.80 5.96
N PRO F 89 7.62 -26.89 5.72
CA PRO F 89 7.41 -25.78 6.64
C PRO F 89 7.11 -26.30 8.00
N LEU F 90 7.91 -25.92 8.98
CA LEU F 90 7.73 -26.39 10.33
C LEU F 90 7.05 -25.33 11.18
N VAL F 91 7.61 -24.13 11.20
CA VAL F 91 7.06 -23.07 12.05
C VAL F 91 7.48 -21.69 11.54
N GLN F 92 6.66 -20.68 11.84
CA GLN F 92 6.92 -19.30 11.43
C GLN F 92 6.52 -18.32 12.49
N THR F 93 7.20 -17.18 12.53
CA THR F 93 6.81 -16.14 13.45
C THR F 93 7.27 -14.79 12.94
N ALA F 94 6.60 -13.75 13.39
CA ALA F 94 6.98 -12.41 13.05
C ALA F 94 7.65 -11.76 14.26
N VAL F 95 8.77 -11.10 14.05
CA VAL F 95 9.43 -10.44 15.15
C VAL F 95 10.06 -9.15 14.68
N THR F 96 10.04 -8.13 15.54
CA THR F 96 10.59 -6.83 15.20
C THR F 96 11.79 -6.47 16.05
N THR F 97 12.88 -6.07 15.40
CA THR F 97 14.05 -5.63 16.12
C THR F 97 13.84 -4.31 16.81
N ILE F 98 14.47 -4.15 17.98
CA ILE F 98 14.41 -2.92 18.74
C ILE F 98 15.37 -1.89 18.15
N PRO F 99 15.16 -0.60 18.47
CA PRO F 99 16.09 0.40 17.94
C PRO F 99 17.44 0.35 18.61
N ALA F 100 18.46 0.85 17.92
CA ALA F 100 19.79 0.92 18.50
C ALA F 100 19.87 1.93 19.63
N GLN G 13 -20.90 -7.88 24.24
CA GLN G 13 -19.94 -7.14 23.43
C GLN G 13 -20.50 -5.82 22.86
N MET G 14 -20.60 -5.76 21.54
CA MET G 14 -21.14 -4.64 20.80
C MET G 14 -22.01 -5.09 19.65
N GLN G 15 -23.17 -4.45 19.46
CA GLN G 15 -23.98 -4.79 18.33
C GLN G 15 -24.21 -3.63 17.34
N VAL G 16 -24.28 -3.98 16.06
CA VAL G 16 -24.66 -3.07 14.98
C VAL G 16 -26.15 -3.02 14.79
N THR G 17 -26.73 -1.86 15.03
CA THR G 17 -28.17 -1.72 15.02
C THR G 17 -28.68 -1.45 13.63
N ASP G 18 -27.91 -0.72 12.85
CA ASP G 18 -28.36 -0.29 11.54
C ASP G 18 -27.20 0.20 10.68
N VAL G 19 -27.15 -0.27 9.45
CA VAL G 19 -26.15 0.20 8.50
C VAL G 19 -26.83 0.81 7.31
N GLN G 20 -26.60 2.10 7.10
CA GLN G 20 -27.11 2.81 5.95
C GLN G 20 -25.96 3.16 5.05
N ASP G 21 -26.19 4.09 4.13
CA ASP G 21 -25.12 4.48 3.25
C ASP G 21 -24.29 5.62 3.84
N ASN G 22 -24.88 6.41 4.73
CA ASN G 22 -24.16 7.55 5.32
C ASN G 22 -24.19 7.59 6.84
N SER G 23 -24.65 6.51 7.45
CA SER G 23 -24.74 6.46 8.88
C SER G 23 -24.61 5.05 9.40
N ILE G 24 -24.21 4.92 10.67
CA ILE G 24 -24.13 3.63 11.35
C ILE G 24 -24.69 3.77 12.75
N SER G 25 -25.48 2.79 13.19
CA SER G 25 -26.00 2.80 14.54
C SER G 25 -25.52 1.59 15.29
N VAL G 26 -25.02 1.83 16.50
CA VAL G 26 -24.45 0.76 17.31
C VAL G 26 -25.05 0.73 18.69
N LYS G 27 -24.74 -0.36 19.40
CA LYS G 27 -25.18 -0.62 20.76
C LYS G 27 -24.04 -1.30 21.50
N TRP G 28 -23.72 -0.86 22.70
CA TRP G 28 -22.66 -1.54 23.42
C TRP G 28 -23.13 -1.92 24.80
N LEU G 29 -22.53 -2.94 25.39
CA LEU G 29 -22.81 -3.29 26.75
C LEU G 29 -22.20 -2.24 27.66
N PRO G 30 -22.93 -1.80 28.69
CA PRO G 30 -22.41 -0.80 29.62
C PRO G 30 -21.13 -1.24 30.28
N SER G 31 -20.28 -0.30 30.66
CA SER G 31 -19.07 -0.66 31.36
C SER G 31 -19.41 -1.27 32.70
N SER G 32 -18.64 -2.30 33.02
CA SER G 32 -18.72 -2.98 34.30
C SER G 32 -18.40 -2.00 35.42
N SER G 33 -17.47 -1.09 35.15
CA SER G 33 -17.00 -0.10 36.12
C SER G 33 -17.84 1.17 36.05
N PRO G 34 -17.70 2.06 37.04
CA PRO G 34 -18.39 3.34 36.95
C PRO G 34 -17.84 4.20 35.82
N VAL G 35 -18.73 4.98 35.22
CA VAL G 35 -18.40 5.72 34.04
C VAL G 35 -19.09 7.10 34.04
N THR G 36 -18.36 8.14 33.65
CA THR G 36 -18.98 9.46 33.56
C THR G 36 -19.57 9.69 32.18
N GLY G 37 -19.22 8.82 31.25
CA GLY G 37 -19.75 8.86 29.90
C GLY G 37 -18.92 8.03 28.95
N TYR G 38 -19.32 7.99 27.68
CA TYR G 38 -18.61 7.22 26.68
C TYR G 38 -18.20 8.08 25.51
N ARG G 39 -17.10 7.71 24.89
CA ARG G 39 -16.65 8.34 23.68
C ARG G 39 -16.66 7.32 22.57
N VAL G 40 -17.28 7.69 21.46
CA VAL G 40 -17.36 6.81 20.31
C VAL G 40 -16.62 7.44 19.16
N THR G 41 -15.66 6.71 18.62
CA THR G 41 -14.96 7.22 17.47
C THR G 41 -15.26 6.36 16.24
N THR G 42 -15.31 7.00 15.08
CA THR G 42 -15.49 6.29 13.83
C THR G 42 -14.39 6.71 12.87
N THR G 43 -13.70 5.75 12.30
CA THR G 43 -12.64 6.07 11.38
C THR G 43 -12.60 5.03 10.26
N PRO G 44 -12.31 5.47 9.04
CA PRO G 44 -12.11 4.53 7.93
C PRO G 44 -10.97 3.59 8.22
N LYS G 45 -11.16 2.29 8.11
CA LYS G 45 -10.06 1.39 8.43
C LYS G 45 -8.87 1.63 7.52
N ASN G 46 -9.06 1.38 6.25
CA ASN G 46 -7.99 1.54 5.29
C ASN G 46 -7.77 2.99 4.93
N GLY G 47 -8.36 3.38 3.82
CA GLY G 47 -8.29 4.71 3.28
C GLY G 47 -8.19 5.94 4.16
N PRO G 48 -7.14 6.72 3.94
CA PRO G 48 -6.89 7.98 4.63
C PRO G 48 -8.10 8.90 4.57
N GLY G 49 -8.79 9.08 5.69
CA GLY G 49 -9.92 9.97 5.76
C GLY G 49 -10.06 10.40 7.21
N PRO G 50 -11.03 11.26 7.50
CA PRO G 50 -11.15 11.86 8.82
C PRO G 50 -11.82 10.96 9.87
N THR G 51 -11.56 11.28 11.14
CA THR G 51 -12.15 10.58 12.26
C THR G 51 -13.28 11.39 12.86
N LYS G 52 -14.44 10.78 13.03
CA LYS G 52 -15.52 11.45 13.72
C LYS G 52 -15.46 11.06 15.19
N THR G 53 -15.80 11.98 16.09
CA THR G 53 -15.86 11.60 17.49
C THR G 53 -17.15 12.13 18.07
N LYS G 54 -17.78 11.32 18.91
CA LYS G 54 -19.04 11.71 19.53
C LYS G 54 -19.03 11.16 20.93
N THR G 55 -19.61 11.89 21.87
CA THR G 55 -19.62 11.48 23.27
C THR G 55 -21.04 11.11 23.68
N ALA G 56 -21.17 10.24 24.67
CA ALA G 56 -22.49 9.83 25.13
C ALA G 56 -22.54 9.95 26.63
N GLY G 57 -23.74 10.05 27.19
CA GLY G 57 -23.91 10.12 28.62
C GLY G 57 -23.76 8.76 29.25
N PRO G 58 -23.68 8.72 30.58
CA PRO G 58 -23.35 7.54 31.37
C PRO G 58 -24.38 6.43 31.32
N ASP G 59 -25.61 6.76 30.97
CA ASP G 59 -26.66 5.75 30.80
C ASP G 59 -27.01 5.51 29.35
N GLN G 60 -26.37 6.27 28.46
CA GLN G 60 -26.53 6.10 27.03
C GLN G 60 -25.67 4.95 26.50
N THR G 61 -26.29 3.91 25.97
CA THR G 61 -25.53 2.80 25.41
C THR G 61 -25.80 2.61 23.93
N GLU G 62 -26.39 3.62 23.30
CA GLU G 62 -26.66 3.57 21.88
C GLU G 62 -26.13 4.82 21.23
N MET G 63 -25.87 4.72 19.93
CA MET G 63 -25.39 5.85 19.16
C MET G 63 -25.64 5.68 17.68
N THR G 64 -25.96 6.78 17.03
CA THR G 64 -26.00 6.84 15.59
C THR G 64 -24.93 7.81 15.13
N ILE G 65 -24.06 7.35 14.23
CA ILE G 65 -23.04 8.23 13.68
C ILE G 65 -23.42 8.56 12.24
N GLU G 66 -23.47 9.83 11.93
CA GLU G 66 -23.94 10.28 10.64
C GLU G 66 -22.83 10.99 9.89
N GLY G 67 -23.08 11.31 8.62
CA GLY G 67 -22.10 12.02 7.83
C GLY G 67 -21.04 11.09 7.30
N LEU G 68 -21.38 9.83 7.15
CA LEU G 68 -20.42 8.86 6.64
C LEU G 68 -20.52 8.74 5.14
N GLN G 69 -19.49 8.16 4.53
CA GLN G 69 -19.48 7.91 3.11
C GLN G 69 -19.84 6.45 2.79
N PRO G 70 -20.52 6.24 1.67
CA PRO G 70 -20.97 4.91 1.23
C PRO G 70 -19.85 4.00 0.77
N THR G 71 -20.01 2.71 1.01
CA THR G 71 -19.05 1.67 0.66
C THR G 71 -17.69 1.88 1.27
N VAL G 72 -17.66 2.45 2.46
CA VAL G 72 -16.44 2.61 3.19
C VAL G 72 -16.47 1.72 4.40
N GLU G 73 -15.36 1.06 4.68
CA GLU G 73 -15.28 0.27 5.88
C GLU G 73 -14.79 1.13 7.02
N TYR G 74 -15.53 1.14 8.12
CA TYR G 74 -15.20 1.97 9.26
C TYR G 74 -14.85 1.14 10.48
N VAL G 75 -13.95 1.66 11.32
CA VAL G 75 -13.76 1.12 12.66
C VAL G 75 -14.56 1.96 13.64
N VAL G 76 -15.44 1.32 14.39
CA VAL G 76 -16.18 2.02 15.42
C VAL G 76 -15.70 1.53 16.78
N SER G 77 -15.15 2.45 17.56
CA SER G 77 -14.60 2.15 18.88
C SER G 77 -15.37 2.87 19.97
N VAL G 78 -15.64 2.17 21.07
CA VAL G 78 -16.26 2.82 22.20
C VAL G 78 -15.28 2.87 23.38
N TYR G 79 -15.07 4.05 23.94
CA TYR G 79 -14.19 4.21 25.09
C TYR G 79 -14.98 4.57 26.36
N ALA G 80 -14.65 3.94 27.48
CA ALA G 80 -15.34 4.28 28.73
C ALA G 80 -14.57 5.32 29.49
N GLN G 81 -15.26 6.38 29.87
CA GLN G 81 -14.61 7.44 30.61
C GLN G 81 -15.00 7.30 32.06
N ASN G 82 -14.01 7.00 32.87
CA ASN G 82 -14.25 6.73 34.27
C ASN G 82 -14.08 7.99 35.13
N PRO G 83 -14.56 7.96 36.38
CA PRO G 83 -14.46 9.16 37.21
C PRO G 83 -13.03 9.63 37.41
N SER G 84 -12.07 8.72 37.30
CA SER G 84 -10.67 9.09 37.46
C SER G 84 -10.18 9.93 36.28
N GLY G 85 -11.02 10.03 35.25
CA GLY G 85 -10.70 10.87 34.10
C GLY G 85 -10.08 10.13 32.94
N GLU G 86 -9.87 8.84 33.12
CA GLU G 86 -9.26 8.03 32.08
C GLU G 86 -10.27 7.56 31.06
N SER G 87 -9.80 7.40 29.83
CA SER G 87 -10.60 6.85 28.76
C SER G 87 -10.09 5.48 28.42
N GLN G 88 -10.92 4.48 28.62
CA GLN G 88 -10.46 3.12 28.41
C GLN G 88 -11.23 2.46 27.29
N PRO G 89 -10.50 1.85 26.35
CA PRO G 89 -11.13 1.12 25.26
C PRO G 89 -12.04 0.08 25.82
N LEU G 90 -13.29 0.12 25.41
CA LEU G 90 -14.26 -0.84 25.88
C LEU G 90 -14.45 -1.91 24.80
N VAL G 91 -14.84 -1.49 23.59
CA VAL G 91 -15.10 -2.42 22.50
C VAL G 91 -15.03 -1.72 21.17
N GLN G 92 -14.65 -2.43 20.14
CA GLN G 92 -14.61 -1.85 18.82
C GLN G 92 -14.95 -2.88 17.76
N THR G 93 -15.42 -2.41 16.61
CA THR G 93 -15.76 -3.31 15.54
C THR G 93 -15.64 -2.66 14.17
N ALA G 94 -15.52 -3.49 13.14
CA ALA G 94 -15.44 -2.96 11.79
C ALA G 94 -16.79 -3.13 11.12
N VAL G 95 -17.23 -2.07 10.45
CA VAL G 95 -18.50 -2.08 9.73
C VAL G 95 -18.36 -1.30 8.42
N THR G 96 -19.05 -1.74 7.39
CA THR G 96 -18.99 -1.11 6.07
C THR G 96 -20.32 -0.49 5.67
N THR G 97 -20.34 0.77 5.24
CA THR G 97 -21.59 1.36 4.81
C THR G 97 -22.03 0.70 3.51
N ILE G 98 -23.33 0.53 3.33
CA ILE G 98 -23.88 -0.07 2.12
C ILE G 98 -23.90 0.97 1.02
N PRO G 99 -24.04 0.55 -0.24
CA PRO G 99 -23.98 1.60 -1.27
C PRO G 99 -25.19 2.50 -1.26
N ALA G 100 -24.99 3.69 -1.79
CA ALA G 100 -26.06 4.65 -2.05
C ALA G 100 -26.94 4.18 -3.22
N GLN H 13 -23.02 -18.36 10.03
CA GLN H 13 -21.92 -18.76 9.17
C GLN H 13 -22.32 -18.63 7.69
N MET H 14 -21.35 -18.57 6.80
CA MET H 14 -21.61 -18.52 5.37
C MET H 14 -20.74 -19.47 4.60
N GLN H 15 -21.33 -20.21 3.67
CA GLN H 15 -20.55 -21.14 2.87
C GLN H 15 -20.57 -20.72 1.41
N VAL H 16 -19.46 -20.91 0.74
CA VAL H 16 -19.40 -20.68 -0.67
C VAL H 16 -19.73 -21.95 -1.46
N THR H 17 -20.82 -21.89 -2.21
CA THR H 17 -21.32 -23.06 -2.92
C THR H 17 -20.68 -23.20 -4.29
N ASP H 18 -20.23 -22.10 -4.86
CA ASP H 18 -19.64 -22.16 -6.20
C ASP H 18 -18.79 -20.95 -6.52
N VAL H 19 -17.59 -21.18 -7.02
CA VAL H 19 -16.72 -20.10 -7.47
C VAL H 19 -16.24 -20.29 -8.89
N GLN H 20 -16.65 -19.43 -9.80
CA GLN H 20 -16.08 -19.48 -11.13
C GLN H 20 -15.30 -18.20 -11.40
N ASP H 21 -15.05 -17.92 -12.66
CA ASP H 21 -14.22 -16.77 -13.02
C ASP H 21 -15.00 -15.48 -13.08
N ASN H 22 -16.32 -15.56 -13.21
CA ASN H 22 -17.12 -14.35 -13.30
C ASN H 22 -18.24 -14.32 -12.31
N SER H 23 -18.29 -15.31 -11.44
CA SER H 23 -19.37 -15.35 -10.48
C SER H 23 -19.02 -16.10 -9.22
N ILE H 24 -19.80 -15.83 -8.18
CA ILE H 24 -19.67 -16.51 -6.91
C ILE H 24 -21.05 -16.86 -6.44
N SER H 25 -21.19 -18.06 -5.88
CA SER H 25 -22.46 -18.47 -5.33
C SER H 25 -22.27 -18.72 -3.83
N VAL H 26 -23.14 -18.15 -3.01
CA VAL H 26 -22.99 -18.30 -1.57
C VAL H 26 -24.30 -18.75 -0.97
N LYS H 27 -24.24 -19.23 0.25
CA LYS H 27 -25.45 -19.62 0.98
C LYS H 27 -25.19 -19.33 2.44
N TRP H 28 -26.16 -18.73 3.12
CA TRP H 28 -25.97 -18.40 4.53
C TRP H 28 -27.09 -18.89 5.42
N LEU H 29 -26.80 -19.02 6.70
CA LEU H 29 -27.84 -19.35 7.67
C LEU H 29 -28.75 -18.16 7.83
N PRO H 30 -30.05 -18.42 7.92
CA PRO H 30 -31.09 -17.40 8.11
C PRO H 30 -30.93 -16.62 9.40
N SER H 31 -31.43 -15.39 9.40
CA SER H 31 -31.40 -14.57 10.59
C SER H 31 -32.20 -15.19 11.71
N SER H 32 -31.66 -15.10 12.93
CA SER H 32 -32.40 -15.53 14.10
C SER H 32 -33.63 -14.66 14.28
N SER H 33 -33.52 -13.37 13.97
CA SER H 33 -34.59 -12.39 14.17
C SER H 33 -35.54 -12.27 12.97
N PRO H 34 -36.66 -11.56 13.13
CA PRO H 34 -37.57 -11.33 11.99
C PRO H 34 -36.93 -10.51 10.87
N VAL H 35 -37.28 -10.83 9.63
CA VAL H 35 -36.62 -10.27 8.47
C VAL H 35 -37.55 -9.95 7.28
N THR H 36 -37.37 -8.79 6.64
CA THR H 36 -38.13 -8.48 5.44
C THR H 36 -37.35 -8.91 4.19
N GLY H 37 -36.06 -9.18 4.36
CA GLY H 37 -35.23 -9.58 3.25
C GLY H 37 -33.76 -9.48 3.55
N TYR H 38 -32.92 -9.78 2.56
CA TYR H 38 -31.48 -9.74 2.71
C TYR H 38 -30.79 -8.87 1.68
N ARG H 39 -29.63 -8.33 2.04
CA ARG H 39 -28.80 -7.60 1.09
C ARG H 39 -27.44 -8.25 1.00
N VAL H 40 -26.97 -8.49 -0.21
CA VAL H 40 -25.64 -9.03 -0.39
C VAL H 40 -24.85 -8.03 -1.20
N THR H 41 -23.71 -7.60 -0.69
CA THR H 41 -22.84 -6.70 -1.44
C THR H 41 -21.56 -7.40 -1.79
N THR H 42 -20.97 -7.03 -2.89
CA THR H 42 -19.70 -7.59 -3.29
C THR H 42 -18.72 -6.50 -3.65
N THR H 43 -17.54 -6.52 -3.04
CA THR H 43 -16.56 -5.50 -3.33
C THR H 43 -15.14 -6.10 -3.31
N PRO H 44 -14.26 -5.60 -4.21
CA PRO H 44 -12.86 -6.03 -4.24
C PRO H 44 -12.12 -5.74 -2.95
N LYS H 45 -11.53 -6.76 -2.35
CA LYS H 45 -10.80 -6.54 -1.11
C LYS H 45 -9.54 -5.70 -1.38
N ASN H 46 -8.66 -6.22 -2.22
CA ASN H 46 -7.38 -5.55 -2.44
C ASN H 46 -7.33 -4.63 -3.65
N GLY H 47 -7.93 -3.46 -3.51
CA GLY H 47 -7.88 -2.44 -4.53
C GLY H 47 -9.25 -1.90 -4.89
N PRO H 48 -9.44 -0.58 -4.74
CA PRO H 48 -10.72 0.03 -5.04
C PRO H 48 -11.23 -0.30 -6.44
N GLY H 49 -12.52 -0.62 -6.47
CA GLY H 49 -13.26 -0.92 -7.66
C GLY H 49 -14.66 -0.66 -7.18
N PRO H 50 -15.65 -0.92 -8.02
CA PRO H 50 -17.05 -0.62 -7.72
C PRO H 50 -17.66 -1.70 -6.83
N THR H 51 -18.72 -1.38 -6.10
CA THR H 51 -19.41 -2.38 -5.29
C THR H 51 -20.71 -2.86 -5.94
N LYS H 52 -20.86 -4.17 -6.04
CA LYS H 52 -22.08 -4.77 -6.54
C LYS H 52 -23.04 -5.07 -5.40
N THR H 53 -24.33 -4.85 -5.62
CA THR H 53 -25.31 -5.17 -4.60
C THR H 53 -26.56 -5.87 -5.15
N LYS H 54 -27.05 -6.84 -4.40
CA LYS H 54 -28.21 -7.61 -4.78
C LYS H 54 -29.07 -7.93 -3.58
N THR H 55 -30.39 -7.91 -3.73
CA THR H 55 -31.29 -8.18 -2.63
C THR H 55 -32.02 -9.49 -2.85
N ALA H 56 -32.48 -10.11 -1.77
CA ALA H 56 -33.25 -11.34 -1.84
C ALA H 56 -34.42 -11.22 -0.88
N GLY H 57 -35.43 -12.07 -1.08
CA GLY H 57 -36.60 -12.09 -0.22
C GLY H 57 -36.37 -12.81 1.09
N PRO H 58 -37.34 -12.74 2.00
CA PRO H 58 -37.18 -13.23 3.36
C PRO H 58 -36.92 -14.71 3.50
N ASP H 59 -37.25 -15.51 2.49
CA ASP H 59 -37.01 -16.95 2.55
C ASP H 59 -35.88 -17.43 1.65
N GLN H 60 -35.28 -16.52 0.91
CA GLN H 60 -34.09 -16.85 0.12
C GLN H 60 -32.79 -16.74 0.94
N THR H 61 -32.06 -17.83 1.10
CA THR H 61 -30.79 -17.74 1.82
C THR H 61 -29.60 -18.19 0.96
N GLU H 62 -29.78 -18.24 -0.36
CA GLU H 62 -28.69 -18.51 -1.28
C GLU H 62 -28.67 -17.45 -2.38
N MET H 63 -27.51 -17.22 -3.00
CA MET H 63 -27.39 -16.24 -4.07
C MET H 63 -26.19 -16.41 -4.97
N THR H 64 -26.37 -16.08 -6.25
CA THR H 64 -25.25 -16.00 -7.17
C THR H 64 -24.99 -14.55 -7.57
N ILE H 65 -23.75 -14.11 -7.41
CA ILE H 65 -23.35 -12.78 -7.83
C ILE H 65 -22.50 -12.86 -9.07
N GLU H 66 -22.89 -12.16 -10.14
CA GLU H 66 -22.13 -12.29 -11.38
C GLU H 66 -21.52 -10.97 -11.83
N GLY H 67 -20.73 -11.04 -12.89
CA GLY H 67 -20.10 -9.86 -13.45
C GLY H 67 -18.84 -9.50 -12.71
N LEU H 68 -18.22 -10.51 -12.13
CA LEU H 68 -16.99 -10.29 -11.37
C LEU H 68 -15.78 -10.46 -12.25
N GLN H 69 -14.62 -10.06 -11.72
CA GLN H 69 -13.40 -10.29 -12.44
C GLN H 69 -12.75 -11.57 -12.05
N PRO H 70 -12.11 -12.20 -13.03
CA PRO H 70 -11.38 -13.43 -12.71
C PRO H 70 -10.11 -13.09 -11.90
N THR H 71 -9.76 -13.96 -10.96
CA THR H 71 -8.56 -13.80 -10.12
C THR H 71 -8.52 -12.50 -9.34
N VAL H 72 -9.67 -12.00 -8.93
CA VAL H 72 -9.76 -10.85 -8.05
C VAL H 72 -10.36 -11.31 -6.74
N GLU H 73 -9.85 -10.81 -5.64
CA GLU H 73 -10.38 -11.18 -4.34
C GLU H 73 -11.49 -10.25 -3.92
N TYR H 74 -12.63 -10.84 -3.58
CA TYR H 74 -13.80 -10.08 -3.23
C TYR H 74 -14.22 -10.30 -1.80
N VAL H 75 -14.79 -9.25 -1.23
CA VAL H 75 -15.48 -9.38 0.03
C VAL H 75 -16.98 -9.51 -0.19
N VAL H 76 -17.56 -10.57 0.34
CA VAL H 76 -19.00 -10.77 0.24
C VAL H 76 -19.68 -10.61 1.60
N SER H 77 -20.58 -9.63 1.71
CA SER H 77 -21.28 -9.32 2.95
C SER H 77 -22.78 -9.52 2.88
N VAL H 78 -23.36 -10.12 3.91
CA VAL H 78 -24.80 -10.28 3.96
C VAL H 78 -25.43 -9.45 5.08
N TYR H 79 -26.39 -8.64 4.72
CA TYR H 79 -27.13 -7.83 5.66
C TYR H 79 -28.57 -8.33 5.76
N ALA H 80 -29.11 -8.39 6.96
CA ALA H 80 -30.50 -8.74 7.15
C ALA H 80 -31.33 -7.48 7.31
N GLN H 81 -32.45 -7.40 6.62
CA GLN H 81 -33.31 -6.23 6.70
C GLN H 81 -34.44 -6.58 7.64
N ASN H 82 -34.60 -5.83 8.71
CA ASN H 82 -35.63 -6.15 9.68
C ASN H 82 -36.91 -5.38 9.41
N PRO H 83 -38.01 -5.77 10.05
CA PRO H 83 -39.26 -5.05 9.80
C PRO H 83 -39.21 -3.57 10.14
N SER H 84 -38.37 -3.16 11.09
CA SER H 84 -38.29 -1.75 11.45
C SER H 84 -37.58 -0.93 10.38
N GLY H 85 -37.02 -1.60 9.37
CA GLY H 85 -36.39 -0.90 8.26
C GLY H 85 -34.89 -0.77 8.37
N GLU H 86 -34.34 -1.32 9.44
CA GLU H 86 -32.92 -1.27 9.70
C GLU H 86 -32.17 -2.34 8.95
N SER H 87 -30.92 -2.08 8.60
CA SER H 87 -30.11 -3.09 7.92
C SER H 87 -28.93 -3.56 8.78
N GLN H 88 -28.91 -4.85 9.13
CA GLN H 88 -27.91 -5.36 10.05
C GLN H 88 -26.98 -6.40 9.46
N PRO H 89 -25.67 -6.25 9.69
CA PRO H 89 -24.61 -7.14 9.24
C PRO H 89 -24.82 -8.54 9.73
N LEU H 90 -24.86 -9.49 8.83
CA LEU H 90 -25.11 -10.85 9.24
C LEU H 90 -23.82 -11.62 9.20
N VAL H 91 -23.16 -11.61 8.06
CA VAL H 91 -21.95 -12.40 7.88
C VAL H 91 -21.13 -11.89 6.70
N GLN H 92 -19.83 -12.13 6.70
CA GLN H 92 -19.01 -11.78 5.55
C GLN H 92 -17.84 -12.73 5.37
N THR H 93 -17.38 -12.87 4.13
CA THR H 93 -16.28 -13.76 3.81
C THR H 93 -15.52 -13.25 2.60
N ALA H 94 -14.30 -13.71 2.45
CA ALA H 94 -13.51 -13.35 1.29
C ALA H 94 -13.43 -14.52 0.34
N VAL H 95 -13.58 -14.26 -0.95
CA VAL H 95 -13.47 -15.30 -1.97
C VAL H 95 -12.74 -14.72 -3.16
N THR H 96 -11.94 -15.54 -3.82
CA THR H 96 -11.19 -15.12 -4.99
C THR H 96 -11.68 -15.91 -6.20
N THR H 97 -12.01 -15.23 -7.28
CA THR H 97 -12.44 -15.91 -8.48
C THR H 97 -11.27 -16.61 -9.14
N ILE H 98 -11.53 -17.77 -9.75
CA ILE H 98 -10.52 -18.55 -10.45
C ILE H 98 -10.28 -17.96 -11.84
N PRO H 99 -9.18 -18.36 -12.51
CA PRO H 99 -8.95 -17.83 -13.85
C PRO H 99 -9.94 -18.38 -14.87
N ALA H 100 -10.10 -17.70 -16.00
CA ALA H 100 -10.97 -18.15 -17.08
C ALA H 100 -10.47 -19.43 -17.74
N GLN I 13 -3.22 -10.39 29.16
CA GLN I 13 -1.84 -10.23 29.57
C GLN I 13 -1.38 -8.78 29.51
N MET I 14 -2.04 -7.96 28.68
CA MET I 14 -1.76 -6.52 28.66
C MET I 14 -3.04 -5.71 28.60
N GLN I 15 -3.11 -4.70 29.44
CA GLN I 15 -4.27 -3.83 29.51
C GLN I 15 -3.96 -2.41 29.11
N VAL I 16 -4.87 -1.80 28.39
CA VAL I 16 -4.77 -0.39 28.09
C VAL I 16 -5.49 0.40 29.15
N THR I 17 -4.75 1.25 29.83
CA THR I 17 -5.26 1.96 30.99
C THR I 17 -5.94 3.26 30.61
N ASP I 18 -5.42 3.94 29.58
CA ASP I 18 -5.94 5.25 29.27
C ASP I 18 -5.49 5.67 27.89
N VAL I 19 -6.40 6.22 27.10
CA VAL I 19 -6.04 6.72 25.79
C VAL I 19 -6.35 8.20 25.68
N GLN I 20 -5.31 9.00 25.46
CA GLN I 20 -5.47 10.44 25.26
C GLN I 20 -5.20 10.72 23.83
N ASP I 21 -5.01 11.99 23.50
CA ASP I 21 -4.78 12.35 22.13
C ASP I 21 -3.30 12.28 21.80
N ASN I 22 -2.45 12.43 22.79
CA ASN I 22 -1.02 12.40 22.52
C ASN I 22 -0.26 11.45 23.42
N SER I 23 -0.99 10.66 24.20
CA SER I 23 -0.35 9.71 25.09
C SER I 23 -1.21 8.48 25.33
N ILE I 24 -0.53 7.40 25.71
CA ILE I 24 -1.16 6.12 26.00
C ILE I 24 -0.60 5.52 27.30
N SER I 25 -1.48 4.94 28.11
CA SER I 25 -1.09 4.27 29.34
C SER I 25 -1.42 2.80 29.29
N VAL I 26 -0.45 1.95 29.60
CA VAL I 26 -0.66 0.50 29.55
C VAL I 26 -0.25 -0.21 30.85
N LYS I 27 -0.63 -1.47 30.99
CA LYS I 27 -0.29 -2.26 32.16
C LYS I 27 -0.06 -3.69 31.72
N TRP I 28 1.02 -4.31 32.17
CA TRP I 28 1.27 -5.71 31.79
C TRP I 28 1.58 -6.64 32.98
N LEU I 29 1.37 -7.94 32.79
CA LEU I 29 1.73 -8.93 33.78
C LEU I 29 3.23 -9.08 33.86
N PRO I 30 3.77 -9.20 35.07
CA PRO I 30 5.22 -9.35 35.27
C PRO I 30 5.77 -10.57 34.59
N SER I 31 7.05 -10.53 34.22
CA SER I 31 7.70 -11.69 33.66
C SER I 31 7.74 -12.82 34.68
N SER I 32 7.53 -14.05 34.22
CA SER I 32 7.65 -15.24 35.06
C SER I 32 9.07 -15.44 35.56
N SER I 33 10.04 -15.13 34.70
CA SER I 33 11.44 -15.31 35.03
C SER I 33 11.97 -14.03 35.69
N PRO I 34 13.17 -14.06 36.26
CA PRO I 34 13.73 -12.82 36.81
C PRO I 34 14.03 -11.77 35.73
N VAL I 35 13.86 -10.50 36.06
CA VAL I 35 14.01 -9.42 35.09
C VAL I 35 14.74 -8.24 35.67
N THR I 36 15.63 -7.67 34.87
CA THR I 36 16.36 -6.48 35.26
C THR I 36 15.56 -5.27 34.87
N GLY I 37 14.52 -5.48 34.08
CA GLY I 37 13.67 -4.39 33.67
C GLY I 37 12.78 -4.74 32.50
N TYR I 38 12.02 -3.77 32.04
CA TYR I 38 11.15 -3.98 30.93
C TYR I 38 11.44 -2.93 29.88
N ARG I 39 11.22 -3.30 28.63
CA ARG I 39 11.41 -2.35 27.56
C ARG I 39 10.10 -2.14 26.86
N VAL I 40 9.71 -0.88 26.71
CA VAL I 40 8.48 -0.62 26.01
C VAL I 40 8.78 0.15 24.74
N THR I 41 8.33 -0.42 23.63
CA THR I 41 8.48 0.15 22.31
C THR I 41 7.15 0.61 21.78
N THR I 42 7.14 1.76 21.13
CA THR I 42 5.93 2.27 20.50
C THR I 42 6.20 2.70 19.08
N THR I 43 5.41 2.15 18.15
CA THR I 43 5.60 2.51 16.76
C THR I 43 4.24 2.56 16.07
N PRO I 44 4.09 3.53 15.15
CA PRO I 44 2.91 3.63 14.29
C PRO I 44 2.75 2.35 13.50
N LYS I 45 1.57 1.77 13.58
CA LYS I 45 1.32 0.47 12.96
C LYS I 45 1.54 0.62 11.45
N ASN I 46 0.76 1.45 10.80
CA ASN I 46 0.98 1.66 9.37
C ASN I 46 1.53 3.04 9.15
N GLY I 47 2.22 3.23 8.03
CA GLY I 47 2.75 4.55 7.72
C GLY I 47 3.97 4.86 8.54
N PRO I 48 5.07 5.19 7.87
CA PRO I 48 6.30 5.53 8.60
C PRO I 48 6.13 6.65 9.62
N GLY I 49 6.71 6.41 10.79
CA GLY I 49 6.83 7.39 11.84
C GLY I 49 7.98 6.80 12.61
N PRO I 50 8.47 7.50 13.64
CA PRO I 50 9.63 6.99 14.36
C PRO I 50 9.21 5.97 15.42
N THR I 51 10.12 5.12 15.88
CA THR I 51 9.78 4.20 16.95
C THR I 51 10.26 4.78 18.27
N LYS I 52 9.35 4.94 19.22
CA LYS I 52 9.74 5.43 20.52
C LYS I 52 10.08 4.26 21.43
N THR I 53 11.09 4.44 22.27
CA THR I 53 11.47 3.38 23.18
C THR I 53 11.57 3.95 24.58
N LYS I 54 11.09 3.20 25.55
CA LYS I 54 11.10 3.70 26.89
C LYS I 54 11.41 2.51 27.79
N THR I 55 12.21 2.73 28.82
CA THR I 55 12.66 1.64 29.70
C THR I 55 12.03 1.72 31.08
N ALA I 56 11.86 0.57 31.71
CA ALA I 56 11.31 0.51 33.06
C ALA I 56 12.15 -0.41 33.90
N GLY I 57 12.10 -0.18 35.21
CA GLY I 57 12.80 -1.02 36.15
C GLY I 57 11.92 -2.22 36.42
N PRO I 58 12.49 -3.23 37.10
CA PRO I 58 11.88 -4.54 37.35
C PRO I 58 10.66 -4.39 38.22
N ASP I 59 10.56 -3.23 38.86
CA ASP I 59 9.43 -2.80 39.67
C ASP I 59 8.16 -2.81 38.84
N GLN I 60 8.30 -2.09 37.74
CA GLN I 60 7.23 -1.41 37.03
C GLN I 60 6.50 -2.23 35.99
N THR I 61 5.20 -2.40 36.12
CA THR I 61 4.45 -3.09 35.10
C THR I 61 3.39 -2.17 34.50
N GLU I 62 3.56 -0.88 34.72
CA GLU I 62 2.70 0.13 34.12
C GLU I 62 3.56 1.18 33.46
N MET I 63 2.98 1.89 32.51
CA MET I 63 3.67 2.97 31.83
C MET I 63 2.75 3.93 31.12
N THR I 64 3.14 5.19 31.04
CA THR I 64 2.51 6.17 30.16
C THR I 64 3.47 6.56 29.05
N ILE I 65 3.04 6.45 27.81
CA ILE I 65 3.87 6.85 26.67
C ILE I 65 3.36 8.17 26.16
N GLU I 66 4.24 9.14 25.98
CA GLU I 66 3.86 10.50 25.61
C GLU I 66 4.44 10.86 24.24
N GLY I 67 4.04 12.00 23.69
CA GLY I 67 4.60 12.46 22.43
C GLY I 67 3.99 11.78 21.22
N LEU I 68 2.76 11.32 21.40
CA LEU I 68 2.07 10.62 20.35
C LEU I 68 1.23 11.52 19.52
N GLN I 69 0.85 10.98 18.37
CA GLN I 69 0.03 11.72 17.45
C GLN I 69 -1.45 11.28 17.59
N PRO I 70 -2.39 12.25 17.57
CA PRO I 70 -3.81 11.90 17.73
C PRO I 70 -4.39 11.21 16.50
N THR I 71 -5.32 10.30 16.73
CA THR I 71 -5.95 9.49 15.69
C THR I 71 -4.93 8.68 14.90
N VAL I 72 -3.88 8.23 15.59
CA VAL I 72 -2.89 7.31 14.99
C VAL I 72 -2.90 5.94 15.67
N GLU I 73 -2.79 4.85 14.91
CA GLU I 73 -2.71 3.52 15.51
C GLU I 73 -1.29 3.09 15.78
N TYR I 74 -1.02 2.75 17.04
CA TYR I 74 0.32 2.39 17.47
C TYR I 74 0.39 0.96 17.88
N VAL I 75 1.52 0.32 17.61
CA VAL I 75 1.83 -0.95 18.23
C VAL I 75 2.72 -0.71 19.44
N VAL I 76 2.25 -1.19 20.58
CA VAL I 76 2.97 -1.09 21.82
C VAL I 76 3.49 -2.46 22.22
N SER I 77 4.81 -2.61 22.25
CA SER I 77 5.47 -3.87 22.55
C SER I 77 6.24 -3.81 23.87
N VAL I 78 6.13 -4.88 24.65
CA VAL I 78 6.87 -5.02 25.91
C VAL I 78 7.88 -6.14 25.82
N TYR I 79 9.12 -5.81 26.17
CA TYR I 79 10.21 -6.77 26.24
C TYR I 79 10.69 -6.93 27.69
N ALA I 80 10.91 -8.16 28.10
CA ALA I 80 11.43 -8.41 29.41
C ALA I 80 12.92 -8.57 29.26
N GLN I 81 13.68 -7.86 30.08
CA GLN I 81 15.12 -7.95 30.01
C GLN I 81 15.59 -8.86 31.13
N ASN I 82 16.20 -9.98 30.78
CA ASN I 82 16.61 -10.89 31.83
C ASN I 82 18.06 -10.58 32.15
N PRO I 83 18.55 -11.06 33.31
CA PRO I 83 19.91 -10.75 33.76
C PRO I 83 21.00 -11.18 32.80
N SER I 84 20.74 -12.21 32.02
CA SER I 84 21.73 -12.71 31.08
C SER I 84 21.98 -11.73 29.94
N GLY I 85 21.16 -10.68 29.87
CA GLY I 85 21.33 -9.65 28.85
C GLY I 85 20.43 -9.80 27.62
N GLU I 86 19.60 -10.83 27.62
CA GLU I 86 18.69 -11.06 26.54
C GLU I 86 17.46 -10.20 26.73
N SER I 87 16.84 -9.81 25.62
CA SER I 87 15.61 -9.08 25.66
C SER I 87 14.53 -9.95 25.05
N GLN I 88 13.50 -10.30 25.80
CA GLN I 88 12.50 -11.21 25.26
C GLN I 88 11.12 -10.60 25.17
N PRO I 89 10.47 -10.78 24.01
CA PRO I 89 9.13 -10.28 23.74
C PRO I 89 8.15 -10.86 24.73
N LEU I 90 7.44 -10.00 25.43
CA LEU I 90 6.52 -10.48 26.44
C LEU I 90 5.10 -10.42 25.94
N VAL I 91 4.68 -9.23 25.54
CA VAL I 91 3.30 -8.99 25.16
C VAL I 91 3.24 -7.77 24.25
N GLN I 92 2.26 -7.74 23.38
CA GLN I 92 2.14 -6.65 22.43
C GLN I 92 0.69 -6.37 22.12
N THR I 93 0.36 -5.11 21.85
CA THR I 93 -1.02 -4.75 21.52
C THR I 93 -1.09 -3.51 20.65
N ALA I 94 -2.19 -3.36 19.93
CA ALA I 94 -2.39 -2.19 19.08
C ALA I 94 -3.41 -1.28 19.71
N VAL I 95 -3.12 0.02 19.70
CA VAL I 95 -4.01 1.02 20.30
C VAL I 95 -3.96 2.30 19.46
N THR I 96 -5.09 3.01 19.39
CA THR I 96 -5.18 4.26 18.65
C THR I 96 -5.51 5.47 19.51
N THR I 97 -4.75 6.55 19.39
CA THR I 97 -5.07 7.74 20.18
C THR I 97 -6.33 8.42 19.70
N ILE I 98 -7.10 8.99 20.61
CA ILE I 98 -8.30 9.69 20.21
C ILE I 98 -7.92 11.08 19.72
N PRO I 99 -8.82 11.74 18.98
CA PRO I 99 -8.52 13.12 18.60
C PRO I 99 -8.76 14.06 19.78
N ALA I 100 -8.17 15.24 19.74
CA ALA I 100 -8.43 16.25 20.75
C ALA I 100 -9.86 16.78 20.65
N GLN J 13 -8.01 -30.36 5.93
CA GLN J 13 -6.58 -30.13 6.11
C GLN J 13 -5.81 -30.16 4.79
N MET J 14 -4.69 -29.44 4.80
CA MET J 14 -3.72 -29.43 3.72
C MET J 14 -2.29 -29.47 4.27
N GLN J 15 -1.43 -30.30 3.69
CA GLN J 15 -0.03 -30.35 4.09
C GLN J 15 0.90 -29.95 2.96
N VAL J 16 1.96 -29.21 3.27
CA VAL J 16 3.00 -28.92 2.32
C VAL J 16 4.08 -29.99 2.40
N THR J 17 4.29 -30.75 1.34
CA THR J 17 5.23 -31.86 1.41
C THR J 17 6.66 -31.45 1.06
N ASP J 18 6.82 -30.39 0.28
CA ASP J 18 8.14 -29.98 -0.14
C ASP J 18 8.13 -28.55 -0.62
N VAL J 19 9.14 -27.80 -0.22
CA VAL J 19 9.35 -26.43 -0.66
C VAL J 19 10.72 -26.33 -1.30
N GLN J 20 10.76 -25.91 -2.55
CA GLN J 20 12.03 -25.66 -3.22
C GLN J 20 12.12 -24.19 -3.56
N ASP J 21 13.04 -23.81 -4.44
CA ASP J 21 13.18 -22.40 -4.77
C ASP J 21 12.24 -22.05 -5.91
N ASN J 22 11.83 -23.04 -6.68
CA ASN J 22 11.00 -22.81 -7.83
C ASN J 22 9.76 -23.69 -7.85
N SER J 23 9.49 -24.38 -6.74
CA SER J 23 8.35 -25.28 -6.69
C SER J 23 7.78 -25.51 -5.30
N ILE J 24 6.52 -25.95 -5.25
CA ILE J 24 5.87 -26.29 -4.00
C ILE J 24 5.14 -27.60 -4.19
N SER J 25 5.18 -28.49 -3.20
CA SER J 25 4.41 -29.72 -3.27
C SER J 25 3.42 -29.84 -2.12
N VAL J 26 2.18 -30.16 -2.45
CA VAL J 26 1.13 -30.23 -1.47
C VAL J 26 0.36 -31.55 -1.48
N LYS J 27 -0.39 -31.77 -0.41
CA LYS J 27 -1.21 -32.95 -0.22
C LYS J 27 -2.45 -32.47 0.52
N TRP J 28 -3.65 -32.84 0.08
CA TRP J 28 -4.82 -32.40 0.83
C TRP J 28 -5.75 -33.55 1.11
N LEU J 29 -6.58 -33.42 2.13
CA LEU J 29 -7.59 -34.42 2.35
C LEU J 29 -8.68 -34.26 1.30
N PRO J 30 -9.16 -35.39 0.75
CA PRO J 30 -10.22 -35.47 -0.27
C PRO J 30 -11.55 -34.93 0.20
N SER J 31 -12.36 -34.47 -0.75
CA SER J 31 -13.71 -33.99 -0.49
C SER J 31 -14.67 -35.06 0.03
N SER J 32 -15.59 -34.63 0.89
CA SER J 32 -16.65 -35.50 1.38
C SER J 32 -17.54 -36.01 0.26
N SER J 33 -17.78 -35.15 -0.73
CA SER J 33 -18.69 -35.47 -1.83
C SER J 33 -17.98 -36.17 -2.99
N PRO J 34 -18.74 -36.71 -3.93
CA PRO J 34 -18.14 -37.24 -5.17
C PRO J 34 -17.53 -36.08 -5.94
N VAL J 35 -16.46 -36.33 -6.69
CA VAL J 35 -15.74 -35.24 -7.31
C VAL J 35 -15.31 -35.51 -8.74
N THR J 36 -15.46 -34.48 -9.56
CA THR J 36 -15.02 -34.53 -10.93
C THR J 36 -13.51 -34.50 -10.97
N GLY J 37 -12.94 -33.84 -9.98
CA GLY J 37 -11.52 -33.65 -9.89
C GLY J 37 -11.28 -32.46 -9.00
N TYR J 38 -10.05 -31.98 -8.98
CA TYR J 38 -9.72 -30.82 -8.19
C TYR J 38 -9.11 -29.76 -9.08
N ARG J 39 -9.32 -28.50 -8.70
CA ARG J 39 -8.69 -27.41 -9.40
C ARG J 39 -7.79 -26.70 -8.40
N VAL J 40 -6.52 -26.53 -8.77
CA VAL J 40 -5.54 -25.93 -7.88
C VAL J 40 -4.95 -24.63 -8.40
N THR J 41 -5.06 -23.58 -7.58
CA THR J 41 -4.52 -22.27 -7.93
C THR J 41 -3.35 -21.85 -7.05
N THR J 42 -2.41 -21.15 -7.66
CA THR J 42 -1.24 -20.60 -6.99
C THR J 42 -1.12 -19.11 -7.27
N THR J 43 -1.05 -18.30 -6.21
CA THR J 43 -0.99 -16.87 -6.40
C THR J 43 -0.05 -16.17 -5.43
N PRO J 44 0.71 -15.20 -5.92
CA PRO J 44 1.51 -14.38 -5.02
C PRO J 44 0.60 -13.64 -4.06
N LYS J 45 0.78 -13.78 -2.76
CA LYS J 45 -0.12 -13.08 -1.85
C LYS J 45 0.10 -11.58 -1.96
N ASN J 46 1.33 -11.19 -2.27
CA ASN J 46 1.68 -9.79 -2.43
C ASN J 46 2.06 -9.46 -3.86
N GLY J 47 1.80 -8.23 -4.29
CA GLY J 47 2.23 -7.79 -5.59
C GLY J 47 1.59 -8.48 -6.78
N PRO J 48 1.03 -7.68 -7.68
CA PRO J 48 0.41 -8.17 -8.93
C PRO J 48 1.30 -9.08 -9.78
N GLY J 49 0.97 -10.36 -9.82
CA GLY J 49 1.73 -11.30 -10.62
C GLY J 49 0.80 -12.39 -11.07
N PRO J 50 1.32 -13.32 -11.88
CA PRO J 50 0.36 -14.23 -12.52
C PRO J 50 -0.12 -15.36 -11.63
N THR J 51 -1.29 -15.89 -11.96
CA THR J 51 -1.85 -17.02 -11.25
C THR J 51 -1.64 -18.32 -12.02
N LYS J 52 -1.06 -19.31 -11.36
CA LYS J 52 -0.97 -20.61 -11.98
C LYS J 52 -2.17 -21.42 -11.58
N THR J 53 -2.72 -22.18 -12.51
CA THR J 53 -3.82 -23.06 -12.21
C THR J 53 -3.53 -24.38 -12.88
N LYS J 54 -3.80 -25.47 -12.18
CA LYS J 54 -3.56 -26.78 -12.75
C LYS J 54 -4.64 -27.75 -12.25
N THR J 55 -4.96 -28.78 -13.04
CA THR J 55 -6.09 -29.66 -12.76
C THR J 55 -5.68 -31.02 -12.18
N ALA J 56 -6.54 -31.62 -11.36
CA ALA J 56 -6.26 -32.94 -10.82
C ALA J 56 -7.45 -33.88 -10.94
N GLY J 57 -7.17 -35.18 -10.97
CA GLY J 57 -8.22 -36.18 -11.06
C GLY J 57 -8.86 -36.45 -9.73
N PRO J 58 -10.01 -37.14 -9.72
CA PRO J 58 -10.82 -37.29 -8.52
C PRO J 58 -10.18 -38.11 -7.39
N ASP J 59 -9.21 -38.96 -7.72
CA ASP J 59 -8.43 -39.67 -6.71
C ASP J 59 -6.98 -39.15 -6.64
N GLN J 60 -6.67 -38.15 -7.45
CA GLN J 60 -5.40 -37.43 -7.35
C GLN J 60 -5.54 -36.47 -6.16
N THR J 61 -4.73 -36.68 -5.13
CA THR J 61 -4.75 -35.86 -3.92
C THR J 61 -3.43 -35.17 -3.68
N GLU J 62 -2.61 -35.16 -4.71
CA GLU J 62 -1.29 -34.59 -4.62
C GLU J 62 -1.03 -33.64 -5.74
N MET J 63 -0.08 -32.76 -5.50
CA MET J 63 0.28 -31.78 -6.48
C MET J 63 1.69 -31.24 -6.27
N THR J 64 2.40 -31.05 -7.37
CA THR J 64 3.60 -30.24 -7.41
C THR J 64 3.38 -29.09 -8.37
N ILE J 65 3.55 -27.87 -7.87
CA ILE J 65 3.43 -26.68 -8.70
C ILE J 65 4.80 -26.16 -9.02
N GLU J 66 5.06 -25.94 -10.29
CA GLU J 66 6.38 -25.54 -10.72
C GLU J 66 6.31 -24.17 -11.36
N GLY J 67 7.47 -23.65 -11.72
CA GLY J 67 7.54 -22.38 -12.42
C GLY J 67 7.38 -21.20 -11.47
N LEU J 68 7.72 -21.43 -10.21
CA LEU J 68 7.60 -20.39 -9.22
C LEU J 68 8.88 -19.58 -9.08
N GLN J 69 8.73 -18.44 -8.44
CA GLN J 69 9.85 -17.55 -8.15
C GLN J 69 10.33 -17.83 -6.73
N PRO J 70 11.64 -17.72 -6.50
CA PRO J 70 12.25 -17.92 -5.19
C PRO J 70 11.95 -16.77 -4.27
N THR J 71 11.83 -17.05 -2.99
CA THR J 71 11.62 -16.06 -1.94
C THR J 71 10.31 -15.27 -2.17
N VAL J 72 9.33 -15.95 -2.73
CA VAL J 72 7.99 -15.39 -2.86
C VAL J 72 6.97 -16.18 -2.06
N GLU J 73 6.05 -15.48 -1.42
CA GLU J 73 4.96 -16.14 -0.73
C GLU J 73 3.72 -16.38 -1.61
N TYR J 74 3.29 -17.62 -1.67
CA TYR J 74 2.18 -17.96 -2.55
C TYR J 74 0.97 -18.42 -1.76
N VAL J 75 -0.22 -18.10 -2.27
CA VAL J 75 -1.43 -18.72 -1.77
C VAL J 75 -1.77 -19.87 -2.68
N VAL J 76 -1.91 -21.05 -2.10
CA VAL J 76 -2.26 -22.26 -2.83
C VAL J 76 -3.68 -22.67 -2.47
N SER J 77 -4.58 -22.65 -3.43
CA SER J 77 -5.97 -22.96 -3.18
C SER J 77 -6.43 -24.24 -3.88
N VAL J 78 -7.19 -25.07 -3.19
CA VAL J 78 -7.76 -26.26 -3.80
C VAL J 78 -9.28 -26.14 -3.90
N TYR J 79 -9.82 -26.32 -5.08
CA TYR J 79 -11.26 -26.28 -5.24
C TYR J 79 -11.75 -27.67 -5.59
N ALA J 80 -12.85 -28.08 -4.97
CA ALA J 80 -13.42 -29.37 -5.29
C ALA J 80 -14.46 -29.20 -6.36
N GLN J 81 -14.39 -30.02 -7.39
CA GLN J 81 -15.36 -29.95 -8.46
C GLN J 81 -16.36 -31.06 -8.27
N ASN J 82 -17.62 -30.72 -8.03
CA ASN J 82 -18.61 -31.76 -7.81
C ASN J 82 -19.26 -32.08 -9.14
N PRO J 83 -19.98 -33.22 -9.22
CA PRO J 83 -20.55 -33.60 -10.52
C PRO J 83 -21.51 -32.57 -11.10
N SER J 84 -22.17 -31.80 -10.26
CA SER J 84 -23.15 -30.81 -10.72
C SER J 84 -22.54 -29.64 -11.47
N GLY J 85 -21.22 -29.56 -11.51
CA GLY J 85 -20.53 -28.51 -12.23
C GLY J 85 -20.08 -27.36 -11.35
N GLU J 86 -20.42 -27.41 -10.06
CA GLU J 86 -19.96 -26.35 -9.19
C GLU J 86 -18.52 -26.64 -8.76
N SER J 87 -17.76 -25.57 -8.57
CA SER J 87 -16.40 -25.70 -8.07
C SER J 87 -16.38 -25.07 -6.68
N GLN J 88 -16.11 -25.88 -5.68
CA GLN J 88 -16.21 -25.42 -4.31
C GLN J 88 -14.89 -25.38 -3.55
N PRO J 89 -14.64 -24.26 -2.86
CA PRO J 89 -13.45 -24.04 -2.08
C PRO J 89 -13.28 -25.10 -1.02
N LEU J 90 -12.17 -25.82 -1.08
CA LEU J 90 -11.92 -26.91 -0.15
C LEU J 90 -10.96 -26.50 0.95
N VAL J 91 -9.76 -26.08 0.57
CA VAL J 91 -8.76 -25.71 1.54
C VAL J 91 -7.73 -24.83 0.85
N GLN J 92 -7.11 -23.94 1.59
CA GLN J 92 -6.07 -23.09 1.03
C GLN J 92 -5.03 -22.82 2.07
N THR J 93 -3.81 -22.52 1.63
CA THR J 93 -2.72 -22.27 2.56
C THR J 93 -1.71 -21.33 1.95
N ALA J 94 -0.93 -20.69 2.81
CA ALA J 94 0.13 -19.82 2.35
C ALA J 94 1.48 -20.51 2.51
N VAL J 95 2.32 -20.40 1.49
CA VAL J 95 3.63 -21.02 1.48
C VAL J 95 4.61 -20.06 0.87
N THR J 96 5.82 -20.05 1.38
CA THR J 96 6.85 -19.18 0.85
C THR J 96 7.98 -20.01 0.31
N THR J 97 8.40 -19.75 -0.92
CA THR J 97 9.55 -20.46 -1.46
C THR J 97 10.85 -20.04 -0.79
N ILE J 98 11.74 -21.01 -0.58
CA ILE J 98 13.04 -20.74 0.01
C ILE J 98 13.92 -20.17 -1.08
N PRO J 99 15.04 -19.53 -0.71
CA PRO J 99 15.89 -18.92 -1.73
C PRO J 99 16.62 -19.94 -2.58
N ALA J 100 17.08 -19.49 -3.74
CA ALA J 100 17.90 -20.32 -4.63
C ALA J 100 19.28 -20.59 -4.05
N PRO J 101 19.84 -21.78 -4.32
CA PRO J 101 21.15 -22.14 -3.78
C PRO J 101 22.29 -21.42 -4.49
C1 CIT K . 5.65 -13.18 -9.08
O1 CIT K . 4.48 -13.13 -9.51
O2 CIT K . 6.37 -14.13 -9.44
C2 CIT K . 6.15 -12.09 -8.15
C3 CIT K . 6.44 -10.82 -8.95
O7 CIT K . 7.58 -10.17 -8.36
C4 CIT K . 6.78 -11.12 -10.39
C5 CIT K . 8.24 -11.48 -10.47
O3 CIT K . 8.71 -12.09 -11.44
O4 CIT K . 8.99 -11.15 -9.54
C6 CIT K . 5.25 -9.88 -8.91
O5 CIT K . 4.61 -9.63 -7.86
O6 CIT K . 4.90 -9.30 -9.97
#